data_8FBT
#
_entry.id   8FBT
#
_cell.length_a   65.433
_cell.length_b   105.338
_cell.length_c   71.120
_cell.angle_alpha   90.00
_cell.angle_beta   112.48
_cell.angle_gamma   90.00
#
_symmetry.space_group_name_H-M   'P 1 21 1'
#
loop_
_entity.id
_entity.type
_entity.pdbx_description
1 polymer 'Glycylpeptide N-tetradecanoyltransferase'
2 non-polymer TETRADECANOYL-COA
3 non-polymer 1,2-ETHANEDIOL
4 non-polymer DI(HYDROXYETHYL)ETHER
5 non-polymer GLYCEROL
6 water water
#
_entity_poly.entity_id   1
_entity_poly.type   'polypeptide(L)'
_entity_poly.pdbx_seq_one_letter_code
;GPGSIKPHKFWNTQPVVQNDDSSSEYSFGPIEIEPDSFRKEIYKLPDGFSWFDCNLWDIESQDFEDTYQLLKDHYVEDDD
SQFRFNYSKEFLRWALCVPGQKKNWLVGVRVNETKKMVGFISAIPIKVRIHNCIMNTSVVNFLCVHKKLRSKRLAPVLIK
EITRRIRCEKIFQSIYTCGKNITKPFTIGTYWHRIINVKKLLEAGFIGIPRNMTMSSLIKYHRIPADKRIEGFRPSVDSD
AEQICKLFENYFMKYKDVSNETMNNLINYDEINHSAALGKQAYMKLDKIEDLQDKITIHQCFNVEDVKHYFTNIDKVIVT
YVRENKNKEITDLFSFFIIESTVINNERFPTINIAYSYFNIANTCSLKELFNEMLITAKNNNCDAFNTLDLMQNLQVIQD
SKFIIGTGRLRYYVFNWKIPQISPSNVGIILF
;
_entity_poly.pdbx_strand_id   B,A
#
loop_
_chem_comp.id
_chem_comp.type
_chem_comp.name
_chem_comp.formula
EDO non-polymer 1,2-ETHANEDIOL 'C2 H6 O2'
GOL non-polymer GLYCEROL 'C3 H8 O3'
MYA non-polymer TETRADECANOYL-COA 'C35 H62 N7 O17 P3 S'
PEG non-polymer DI(HYDROXYETHYL)ETHER 'C4 H10 O3'
#
# COMPACT_ATOMS: atom_id res chain seq x y z
N HIS A 8 -14.95 -6.60 5.98
CA HIS A 8 -14.43 -7.59 6.92
C HIS A 8 -15.54 -8.36 7.64
N LYS A 9 -15.45 -9.69 7.59
CA LYS A 9 -16.36 -10.56 8.31
C LYS A 9 -15.64 -11.43 9.34
N PHE A 10 -14.37 -11.12 9.66
CA PHE A 10 -13.68 -11.81 10.74
C PHE A 10 -13.03 -10.84 11.72
N TRP A 11 -12.31 -9.83 11.20
CA TRP A 11 -11.51 -8.99 12.08
C TRP A 11 -12.37 -8.13 12.99
N ASN A 12 -13.60 -7.85 12.57
CA ASN A 12 -14.54 -7.09 13.37
C ASN A 12 -14.89 -7.78 14.68
N THR A 13 -14.58 -9.07 14.84
CA THR A 13 -14.92 -9.81 16.06
C THR A 13 -13.73 -10.11 16.95
N GLN A 14 -12.61 -9.45 16.73
CA GLN A 14 -11.42 -9.74 17.52
C GLN A 14 -11.07 -8.55 18.39
N PRO A 15 -10.37 -8.76 19.56
CA PRO A 15 -9.95 -7.59 20.39
C PRO A 15 -8.71 -6.90 19.84
N VAL A 16 -8.90 -6.16 18.75
CA VAL A 16 -7.86 -5.33 18.15
C VAL A 16 -8.47 -3.94 17.94
N VAL A 17 -7.63 -2.90 17.96
CA VAL A 17 -8.10 -1.54 17.66
C VAL A 17 -8.58 -1.49 16.21
N GLN A 18 -9.71 -0.84 15.98
CA GLN A 18 -10.40 -0.80 14.70
C GLN A 18 -10.12 0.52 13.97
N ASN A 19 -10.25 0.50 12.64
CA ASN A 19 -10.11 1.73 11.87
C ASN A 19 -11.12 2.78 12.33
N ASP A 20 -12.28 2.34 12.86
CA ASP A 20 -13.31 3.24 13.35
C ASP A 20 -13.18 3.52 14.86
N GLU A 25 -6.31 6.21 20.37
CA GLU A 25 -6.36 6.98 21.62
C GLU A 25 -4.95 7.39 22.03
N TYR A 26 -4.77 7.60 23.34
CA TYR A 26 -3.45 7.87 23.89
C TYR A 26 -3.30 7.12 25.23
N SER A 27 -3.43 5.80 25.17
CA SER A 27 -3.25 4.99 26.36
C SER A 27 -2.76 3.59 26.00
N PHE A 28 -2.31 2.89 27.03
CA PHE A 28 -1.72 1.59 26.90
C PHE A 28 -2.50 0.60 27.76
N GLY A 29 -2.43 -0.67 27.40
CA GLY A 29 -2.85 -1.78 28.21
C GLY A 29 -3.76 -2.77 27.49
N PRO A 30 -4.17 -3.82 28.21
CA PRO A 30 -4.98 -4.87 27.57
C PRO A 30 -6.35 -4.41 27.13
N ILE A 31 -6.80 -4.94 25.99
CA ILE A 31 -8.14 -4.63 25.51
C ILE A 31 -9.15 -5.38 26.33
N GLU A 32 -8.93 -6.68 26.53
CA GLU A 32 -9.79 -7.53 27.33
C GLU A 32 -8.91 -8.41 28.21
N ILE A 33 -9.34 -8.59 29.43
CA ILE A 33 -8.70 -9.53 30.36
C ILE A 33 -9.73 -10.65 30.51
N GLU A 34 -9.63 -11.67 29.66
CA GLU A 34 -10.60 -12.77 29.59
C GLU A 34 -9.82 -14.06 29.79
N PRO A 35 -9.18 -14.22 30.95
CA PRO A 35 -8.38 -15.44 31.18
C PRO A 35 -9.20 -16.72 31.06
N ASP A 36 -10.50 -16.63 31.33
CA ASP A 36 -11.34 -17.82 31.48
C ASP A 36 -12.24 -18.07 30.29
N SER A 37 -12.80 -17.03 29.69
CA SER A 37 -14.01 -17.14 28.86
C SER A 37 -13.71 -17.29 27.38
N PHE A 38 -12.62 -17.96 27.01
CA PHE A 38 -12.26 -18.08 25.61
C PHE A 38 -12.43 -19.51 25.14
N ARG A 39 -12.58 -19.69 23.83
CA ARG A 39 -12.83 -21.01 23.28
C ARG A 39 -11.65 -21.96 23.45
N LYS A 40 -11.94 -23.22 23.75
CA LYS A 40 -10.91 -24.21 23.95
C LYS A 40 -11.05 -25.44 23.05
N GLU A 41 -12.23 -25.73 22.52
CA GLU A 41 -12.39 -26.85 21.60
C GLU A 41 -11.67 -26.55 20.28
N ILE A 42 -10.82 -27.48 19.84
CA ILE A 42 -10.13 -27.33 18.56
C ILE A 42 -11.15 -27.07 17.45
N TYR A 43 -10.76 -26.25 16.48
CA TYR A 43 -11.72 -25.79 15.48
C TYR A 43 -11.92 -26.85 14.40
N LYS A 44 -13.16 -27.01 13.94
CA LYS A 44 -13.39 -27.99 12.89
C LYS A 44 -12.86 -27.49 11.55
N LEU A 45 -12.20 -28.37 10.83
CA LEU A 45 -11.80 -28.11 9.45
C LEU A 45 -12.82 -28.71 8.50
N PRO A 46 -12.93 -28.14 7.29
CA PRO A 46 -13.84 -28.72 6.29
C PRO A 46 -13.54 -30.18 6.04
N ASP A 47 -14.59 -30.92 5.66
CA ASP A 47 -14.47 -32.33 5.36
C ASP A 47 -13.25 -32.60 4.51
N GLY A 48 -12.46 -33.58 4.92
CA GLY A 48 -11.29 -33.97 4.18
C GLY A 48 -10.02 -33.23 4.51
N PHE A 49 -10.01 -32.41 5.58
CA PHE A 49 -8.81 -31.71 6.03
C PHE A 49 -8.54 -32.03 7.51
N SER A 50 -7.26 -32.01 7.89
CA SER A 50 -6.89 -32.29 9.26
C SER A 50 -5.71 -31.42 9.68
N TRP A 51 -5.69 -31.07 10.95
CA TRP A 51 -4.56 -30.35 11.50
C TRP A 51 -3.38 -31.30 11.66
N PHE A 52 -2.17 -30.74 11.68
CA PHE A 52 -1.03 -31.44 12.25
C PHE A 52 -0.05 -30.43 12.81
N ASP A 53 0.73 -30.90 13.80
CA ASP A 53 1.89 -30.18 14.30
C ASP A 53 3.04 -30.41 13.34
N CYS A 54 3.58 -29.34 12.79
CA CYS A 54 4.58 -29.44 11.74
CA CYS A 54 4.57 -29.45 11.75
C CYS A 54 5.93 -29.76 12.38
N ASN A 55 6.56 -30.84 11.95
CA ASN A 55 7.82 -31.26 12.56
C ASN A 55 9.01 -30.59 11.89
N LEU A 56 9.21 -29.31 12.25
CA LEU A 56 10.39 -28.53 11.85
C LEU A 56 11.58 -28.77 12.77
N TRP A 57 11.46 -29.70 13.70
CA TRP A 57 12.57 -30.03 14.59
C TRP A 57 13.56 -30.97 13.90
N ASP A 58 13.07 -31.88 13.06
CA ASP A 58 13.94 -32.72 12.23
C ASP A 58 13.98 -32.10 10.84
N ILE A 59 15.13 -31.55 10.47
CA ILE A 59 15.26 -30.85 9.20
C ILE A 59 15.09 -31.80 8.02
N GLU A 60 15.36 -33.09 8.21
CA GLU A 60 15.14 -34.05 7.15
C GLU A 60 13.69 -34.51 7.04
N SER A 61 12.77 -33.99 7.84
CA SER A 61 11.44 -34.59 7.88
C SER A 61 10.63 -34.26 6.63
N GLN A 62 9.57 -35.06 6.42
CA GLN A 62 8.60 -34.78 5.36
C GLN A 62 7.80 -33.52 5.65
N ASP A 63 7.41 -33.31 6.91
CA ASP A 63 6.72 -32.09 7.27
C ASP A 63 7.52 -30.89 6.77
N PHE A 64 8.85 -30.95 6.91
CA PHE A 64 9.68 -29.79 6.55
C PHE A 64 9.69 -29.59 5.03
N GLU A 65 9.90 -30.67 4.27
CA GLU A 65 9.79 -30.58 2.80
C GLU A 65 8.45 -29.97 2.39
N ASP A 66 7.35 -30.52 2.91
CA ASP A 66 6.04 -29.97 2.59
C ASP A 66 5.95 -28.50 2.99
N THR A 67 6.49 -28.12 4.14
CA THR A 67 6.39 -26.70 4.53
C THR A 67 7.23 -25.85 3.59
N TYR A 68 8.47 -26.26 3.35
CA TYR A 68 9.32 -25.50 2.46
C TYR A 68 8.65 -25.33 1.11
N GLN A 69 8.10 -26.42 0.56
CA GLN A 69 7.47 -26.36 -0.75
C GLN A 69 6.26 -25.43 -0.74
N LEU A 70 5.36 -25.64 0.23
CA LEU A 70 4.17 -24.81 0.35
C LEU A 70 4.53 -23.34 0.38
N LEU A 71 5.48 -22.96 1.24
CA LEU A 71 5.86 -21.55 1.37
C LEU A 71 6.53 -21.05 0.10
N LYS A 72 7.43 -21.86 -0.48
CA LYS A 72 8.14 -21.43 -1.69
C LYS A 72 7.17 -21.19 -2.83
N ASP A 73 6.16 -22.05 -2.96
CA ASP A 73 5.22 -21.93 -4.07
C ASP A 73 4.12 -20.91 -3.79
N HIS A 74 3.75 -20.69 -2.53
CA HIS A 74 2.49 -20.02 -2.22
C HIS A 74 2.54 -18.82 -1.27
N TYR A 75 3.71 -18.47 -0.70
CA TYR A 75 3.79 -17.40 0.30
C TYR A 75 4.16 -16.10 -0.41
N VAL A 76 3.19 -15.49 -1.09
CA VAL A 76 3.48 -14.26 -1.83
C VAL A 76 2.15 -13.59 -2.21
N GLU A 77 2.16 -12.25 -2.12
CA GLU A 77 1.06 -11.43 -2.61
C GLU A 77 1.35 -10.94 -4.05
N GLN A 82 6.23 -13.43 -11.88
CA GLN A 82 6.48 -12.58 -10.73
C GLN A 82 7.84 -12.94 -10.10
N PHE A 83 7.99 -12.74 -8.79
CA PHE A 83 9.15 -13.19 -8.04
C PHE A 83 8.66 -13.96 -6.82
N ARG A 84 9.42 -14.97 -6.40
CA ARG A 84 9.08 -15.74 -5.21
C ARG A 84 10.26 -15.69 -4.25
N PHE A 85 9.98 -15.27 -3.02
CA PHE A 85 10.92 -15.54 -1.94
C PHE A 85 11.08 -17.04 -1.81
N ASN A 86 12.13 -17.44 -1.13
CA ASN A 86 12.52 -18.84 -1.09
C ASN A 86 13.13 -19.09 0.28
N TYR A 87 12.33 -18.94 1.32
CA TYR A 87 12.82 -19.26 2.64
C TYR A 87 13.40 -20.66 2.64
N SER A 88 14.70 -20.77 2.90
CA SER A 88 15.35 -22.06 3.02
C SER A 88 15.00 -22.78 4.32
N LYS A 89 15.31 -24.07 4.37
CA LYS A 89 14.98 -24.87 5.55
C LYS A 89 15.82 -24.44 6.75
N GLU A 90 17.09 -24.15 6.54
CA GLU A 90 17.90 -23.62 7.62
C GLU A 90 17.35 -22.28 8.12
N PHE A 91 16.78 -21.47 7.23
CA PHE A 91 16.26 -20.20 7.66
C PHE A 91 15.02 -20.42 8.53
N LEU A 92 14.15 -21.32 8.08
CA LEU A 92 12.90 -21.59 8.77
C LEU A 92 13.13 -22.16 10.15
N ARG A 93 14.10 -23.08 10.27
CA ARG A 93 14.43 -23.63 11.58
C ARG A 93 14.94 -22.53 12.52
N TRP A 94 15.79 -21.63 12.02
CA TRP A 94 16.27 -20.52 12.84
C TRP A 94 15.10 -19.58 13.22
N ALA A 95 14.23 -19.30 12.28
CA ALA A 95 13.17 -18.32 12.55
C ALA A 95 12.04 -18.90 13.42
N LEU A 96 11.94 -20.23 13.58
CA LEU A 96 10.76 -20.78 14.22
C LEU A 96 11.02 -21.73 15.37
N CYS A 97 12.17 -22.41 15.34
CA CYS A 97 12.53 -23.29 16.46
C CYS A 97 13.37 -22.49 17.43
N VAL A 98 12.71 -21.54 18.09
CA VAL A 98 13.41 -20.55 18.94
C VAL A 98 13.35 -21.03 20.37
N PRO A 99 14.12 -20.43 21.29
CA PRO A 99 14.09 -20.90 22.68
C PRO A 99 12.69 -20.76 23.22
N GLY A 100 12.19 -21.80 23.91
CA GLY A 100 10.83 -21.73 24.42
C GLY A 100 9.72 -22.13 23.45
N GLN A 101 10.05 -22.43 22.20
CA GLN A 101 8.99 -22.72 21.22
C GLN A 101 8.17 -23.93 21.67
N LYS A 102 6.86 -23.87 21.43
CA LYS A 102 5.96 -24.99 21.68
C LYS A 102 5.84 -25.85 20.42
N LYS A 103 5.74 -27.17 20.60
CA LYS A 103 5.58 -28.04 19.43
C LYS A 103 4.30 -27.71 18.66
N ASN A 104 3.25 -27.33 19.38
CA ASN A 104 1.95 -27.12 18.76
C ASN A 104 1.74 -25.71 18.26
N TRP A 105 2.75 -24.88 18.21
CA TRP A 105 2.61 -23.55 17.65
C TRP A 105 3.03 -23.51 16.17
N LEU A 106 3.38 -24.65 15.59
CA LEU A 106 3.74 -24.72 14.17
C LEU A 106 2.61 -25.51 13.54
N VAL A 107 1.63 -24.82 12.96
CA VAL A 107 0.33 -25.42 12.64
C VAL A 107 0.25 -25.65 11.14
N GLY A 108 0.03 -26.92 10.77
CA GLY A 108 -0.18 -27.29 9.39
C GLY A 108 -1.58 -27.74 9.13
N VAL A 109 -2.03 -27.64 7.88
CA VAL A 109 -3.27 -28.24 7.41
C VAL A 109 -2.97 -29.13 6.21
N ARG A 110 -3.57 -30.32 6.17
CA ARG A 110 -3.37 -31.19 5.02
C ARG A 110 -4.67 -31.83 4.57
N VAL A 111 -4.69 -32.17 3.29
CA VAL A 111 -5.79 -32.93 2.69
C VAL A 111 -5.65 -34.38 3.12
N ASN A 112 -6.72 -34.93 3.71
CA ASN A 112 -6.65 -36.28 4.24
C ASN A 112 -6.31 -37.31 3.17
N GLU A 113 -6.92 -37.18 1.99
CA GLU A 113 -6.80 -38.22 0.96
C GLU A 113 -5.40 -38.25 0.37
N THR A 114 -4.81 -37.07 0.11
CA THR A 114 -3.53 -36.98 -0.59
C THR A 114 -2.36 -36.70 0.36
N LYS A 115 -2.64 -36.22 1.59
CA LYS A 115 -1.63 -35.81 2.55
C LYS A 115 -0.85 -34.61 2.06
N LYS A 116 -1.46 -33.84 1.14
CA LYS A 116 -0.91 -32.59 0.62
C LYS A 116 -1.08 -31.45 1.63
N MET A 117 0.04 -30.88 2.07
CA MET A 117 -0.02 -29.73 2.97
C MET A 117 -0.61 -28.54 2.23
N VAL A 118 -1.63 -27.92 2.80
CA VAL A 118 -2.36 -26.91 2.04
C VAL A 118 -2.51 -25.65 2.89
N GLY A 119 -1.84 -25.62 4.02
CA GLY A 119 -1.95 -24.48 4.90
C GLY A 119 -0.91 -24.48 5.99
N PHE A 120 -0.57 -23.28 6.46
CA PHE A 120 0.42 -23.16 7.51
C PHE A 120 0.15 -21.87 8.28
N ILE A 121 0.48 -21.90 9.57
CA ILE A 121 0.54 -20.67 10.37
C ILE A 121 1.46 -20.96 11.55
N SER A 122 2.17 -19.94 12.01
CA SER A 122 3.14 -20.17 13.07
C SER A 122 3.07 -19.07 14.09
N ALA A 123 3.50 -19.40 15.31
CA ALA A 123 3.71 -18.42 16.35
C ALA A 123 5.05 -18.75 16.98
N ILE A 124 5.81 -17.74 17.38
CA ILE A 124 6.97 -18.00 18.25
C ILE A 124 6.82 -17.21 19.56
N PRO A 125 7.34 -17.70 20.68
CA PRO A 125 7.29 -16.93 21.94
C PRO A 125 8.43 -15.91 21.94
N ILE A 126 8.10 -14.65 22.29
CA ILE A 126 9.11 -13.63 22.54
C ILE A 126 8.76 -12.92 23.83
N LYS A 127 9.75 -12.22 24.38
CA LYS A 127 9.60 -11.29 25.51
C LYS A 127 9.59 -9.89 24.91
N VAL A 128 8.63 -9.04 25.35
N VAL A 128 8.66 -9.04 25.38
CA VAL A 128 8.55 -7.68 24.86
CA VAL A 128 8.48 -7.68 24.89
C VAL A 128 8.31 -6.76 26.04
C VAL A 128 8.31 -6.75 26.07
N ARG A 129 8.78 -5.52 25.92
CA ARG A 129 8.40 -4.43 26.81
C ARG A 129 7.45 -3.54 26.01
N ILE A 130 6.33 -3.15 26.59
CA ILE A 130 5.45 -2.16 26.00
C ILE A 130 5.28 -1.06 27.07
N HIS A 131 5.98 0.05 26.90
CA HIS A 131 5.92 1.19 27.83
C HIS A 131 6.30 0.66 29.21
N ASN A 132 5.41 0.70 30.22
CA ASN A 132 5.78 0.36 31.59
C ASN A 132 5.48 -1.10 31.94
N CYS A 133 5.17 -1.93 30.95
CA CYS A 133 4.86 -3.33 31.17
C CYS A 133 5.81 -4.24 30.42
N ILE A 134 5.97 -5.46 30.91
CA ILE A 134 6.79 -6.48 30.25
C ILE A 134 6.02 -7.79 30.33
N MET A 135 6.26 -8.67 29.35
CA MET A 135 5.46 -9.86 29.20
C MET A 135 6.05 -10.79 28.15
N ASN A 136 5.74 -12.07 28.37
CA ASN A 136 5.80 -13.02 27.28
C ASN A 136 4.63 -12.76 26.34
N THR A 137 4.89 -12.84 25.04
CA THR A 137 3.83 -12.73 24.04
C THR A 137 4.21 -13.64 22.88
N SER A 138 3.54 -13.45 21.77
CA SER A 138 3.69 -14.35 20.64
C SER A 138 3.91 -13.50 19.42
N VAL A 139 4.58 -14.05 18.43
CA VAL A 139 4.66 -13.44 17.10
C VAL A 139 4.12 -14.43 16.10
N VAL A 140 3.08 -14.03 15.36
CA VAL A 140 2.39 -14.87 14.41
C VAL A 140 2.93 -14.49 13.03
N ASN A 141 3.38 -15.49 12.31
CA ASN A 141 4.03 -15.22 11.05
C ASN A 141 3.87 -16.44 10.16
N PHE A 142 4.17 -16.23 8.87
CA PHE A 142 4.16 -17.31 7.88
C PHE A 142 2.76 -17.91 7.69
N LEU A 143 1.73 -17.08 7.81
CA LEU A 143 0.39 -17.54 7.45
C LEU A 143 0.30 -17.78 5.93
N CYS A 144 -0.02 -19.03 5.53
CA CYS A 144 0.01 -19.41 4.13
C CYS A 144 -1.08 -20.42 3.78
N VAL A 145 -1.83 -20.11 2.73
CA VAL A 145 -2.89 -20.98 2.21
C VAL A 145 -2.58 -21.29 0.76
N HIS A 146 -2.61 -22.57 0.41
CA HIS A 146 -2.36 -22.99 -0.97
C HIS A 146 -3.17 -22.13 -1.93
N LYS A 147 -2.50 -21.63 -2.98
CA LYS A 147 -3.13 -20.70 -3.93
C LYS A 147 -4.50 -21.17 -4.40
N LYS A 148 -4.71 -22.48 -4.49
CA LYS A 148 -5.98 -22.98 -5.02
C LYS A 148 -7.12 -22.91 -4.03
N LEU A 149 -6.85 -22.90 -2.73
CA LEU A 149 -7.90 -22.87 -1.73
C LEU A 149 -8.18 -21.47 -1.22
N ARG A 150 -7.69 -20.43 -1.90
CA ARG A 150 -7.99 -19.09 -1.44
C ARG A 150 -9.49 -18.82 -1.59
N SER A 151 -9.97 -17.77 -0.93
CA SER A 151 -11.40 -17.47 -0.93
C SER A 151 -12.19 -18.76 -0.75
N LYS A 152 -11.68 -19.63 0.11
CA LYS A 152 -12.42 -20.69 0.77
C LYS A 152 -12.42 -20.45 2.27
N ARG A 153 -12.21 -19.18 2.68
CA ARG A 153 -12.26 -18.71 4.05
C ARG A 153 -11.52 -19.64 5.01
N LEU A 154 -10.36 -20.12 4.58
CA LEU A 154 -9.55 -20.95 5.45
C LEU A 154 -8.67 -20.13 6.39
N ALA A 155 -8.24 -18.95 5.96
CA ALA A 155 -7.31 -18.18 6.79
C ALA A 155 -7.89 -17.80 8.14
N PRO A 156 -9.15 -17.37 8.26
CA PRO A 156 -9.69 -17.07 9.59
C PRO A 156 -9.64 -18.25 10.52
N VAL A 157 -9.83 -19.45 9.99
CA VAL A 157 -9.75 -20.65 10.81
C VAL A 157 -8.31 -20.89 11.29
N LEU A 158 -7.32 -20.76 10.41
N LEU A 158 -7.32 -20.76 10.40
CA LEU A 158 -5.93 -20.87 10.87
CA LEU A 158 -5.93 -20.87 10.87
C LEU A 158 -5.64 -19.83 11.94
C LEU A 158 -5.65 -19.83 11.95
N ILE A 159 -6.20 -18.63 11.80
CA ILE A 159 -5.97 -17.57 12.78
C ILE A 159 -6.65 -17.90 14.12
N LYS A 160 -7.92 -18.30 14.07
CA LYS A 160 -8.64 -18.67 15.29
C LYS A 160 -7.94 -19.86 15.98
N GLU A 161 -7.37 -20.78 15.20
CA GLU A 161 -6.73 -21.96 15.79
C GLU A 161 -5.40 -21.60 16.46
N ILE A 162 -4.57 -20.78 15.82
CA ILE A 162 -3.34 -20.37 16.47
C ILE A 162 -3.67 -19.55 17.70
N THR A 163 -4.70 -18.73 17.61
CA THR A 163 -5.10 -17.98 18.80
C THR A 163 -5.38 -18.91 19.95
N ARG A 164 -6.09 -19.99 19.68
CA ARG A 164 -6.48 -20.92 20.71
C ARG A 164 -5.27 -21.58 21.32
N ARG A 165 -4.34 -22.02 20.47
CA ARG A 165 -3.11 -22.63 20.93
C ARG A 165 -2.22 -21.66 21.70
N ILE A 166 -2.26 -20.35 21.40
CA ILE A 166 -1.48 -19.38 22.20
C ILE A 166 -2.12 -19.13 23.57
N ARG A 167 -3.46 -18.95 23.60
CA ARG A 167 -4.15 -18.70 24.85
C ARG A 167 -4.06 -19.88 25.81
N CYS A 168 -4.01 -21.10 25.30
CA CYS A 168 -3.84 -22.24 26.20
C CYS A 168 -2.46 -22.26 26.87
N GLU A 169 -1.49 -21.48 26.40
CA GLU A 169 -0.22 -21.26 27.10
C GLU A 169 -0.27 -20.03 28.02
N LYS A 170 -1.47 -19.49 28.26
CA LYS A 170 -1.63 -18.32 29.12
C LYS A 170 -0.93 -17.09 28.54
N ILE A 171 -0.89 -17.02 27.22
CA ILE A 171 -0.42 -15.86 26.50
C ILE A 171 -1.63 -15.28 25.76
N PHE A 172 -1.91 -13.99 25.97
CA PHE A 172 -3.16 -13.41 25.52
C PHE A 172 -2.97 -12.22 24.59
N GLN A 173 -1.72 -11.93 24.19
CA GLN A 173 -1.48 -10.90 23.20
C GLN A 173 -0.66 -11.50 22.06
N SER A 174 -0.58 -10.76 20.95
CA SER A 174 0.28 -11.15 19.84
C SER A 174 0.69 -9.95 19.03
N ILE A 175 1.86 -10.05 18.39
CA ILE A 175 2.33 -9.09 17.42
C ILE A 175 2.46 -9.76 16.06
N TYR A 176 2.13 -9.02 15.01
CA TYR A 176 2.13 -9.52 13.65
C TYR A 176 2.16 -8.31 12.74
N THR A 177 2.66 -8.53 11.52
CA THR A 177 2.76 -7.51 10.49
C THR A 177 1.98 -7.93 9.26
N CYS A 178 1.83 -6.97 8.35
N CYS A 178 1.80 -6.96 8.35
CA CYS A 178 1.07 -7.20 7.13
CA CYS A 178 1.01 -7.16 7.14
C CYS A 178 1.35 -6.08 6.13
C CYS A 178 1.33 -6.06 6.13
N GLY A 179 1.27 -6.42 4.84
CA GLY A 179 1.33 -5.41 3.81
C GLY A 179 0.02 -4.65 3.71
N LYS A 180 -1.10 -5.37 3.72
CA LYS A 180 -2.41 -4.75 3.62
C LYS A 180 -2.75 -4.10 4.94
N ASN A 181 -3.66 -3.13 4.87
CA ASN A 181 -4.24 -2.52 6.06
C ASN A 181 -5.49 -3.33 6.41
N ILE A 182 -5.54 -3.81 7.65
CA ILE A 182 -6.63 -4.68 8.10
C ILE A 182 -7.45 -3.89 9.12
N THR A 183 -6.89 -3.75 10.32
CA THR A 183 -7.42 -2.89 11.37
C THR A 183 -6.45 -1.72 11.52
N LYS A 184 -6.51 -1.04 12.64
CA LYS A 184 -5.65 0.12 12.85
C LYS A 184 -4.29 -0.35 13.38
N PRO A 185 -3.23 -0.17 12.59
CA PRO A 185 -1.90 -0.56 13.04
C PRO A 185 -1.34 0.46 14.03
N PHE A 186 -0.47 0.00 14.91
CA PHE A 186 0.14 0.94 15.85
C PHE A 186 1.32 1.66 15.23
N THR A 187 1.91 1.11 14.17
CA THR A 187 2.84 1.91 13.37
C THR A 187 2.97 1.33 11.96
N ILE A 188 3.61 2.10 11.11
CA ILE A 188 3.81 1.72 9.73
C ILE A 188 5.28 1.86 9.42
N GLY A 189 5.94 0.74 9.12
CA GLY A 189 7.32 0.80 8.66
C GLY A 189 7.41 0.88 7.14
N THR A 190 8.39 1.64 6.67
CA THR A 190 8.74 1.73 5.25
C THR A 190 10.13 1.15 4.98
N TYR A 191 10.20 0.28 4.00
CA TYR A 191 11.45 -0.32 3.56
C TYR A 191 12.21 0.72 2.73
N TRP A 192 13.51 0.80 2.99
CA TRP A 192 14.47 1.48 2.12
C TRP A 192 15.47 0.44 1.62
N HIS A 193 16.04 0.68 0.46
CA HIS A 193 16.79 -0.34 -0.25
C HIS A 193 18.15 0.19 -0.67
N ARG A 194 19.19 -0.57 -0.40
CA ARG A 194 20.54 -0.22 -0.80
C ARG A 194 21.00 -1.25 -1.84
N ILE A 195 21.38 -0.75 -3.01
CA ILE A 195 21.85 -1.59 -4.09
C ILE A 195 23.30 -1.95 -3.87
N ILE A 196 23.61 -3.25 -3.91
CA ILE A 196 24.99 -3.75 -3.83
C ILE A 196 25.49 -4.27 -5.20
N ASN A 197 24.77 -5.23 -5.80
CA ASN A 197 25.21 -5.85 -7.08
C ASN A 197 24.35 -5.29 -8.20
N VAL A 198 24.80 -4.16 -8.77
CA VAL A 198 24.08 -3.47 -9.83
C VAL A 198 23.82 -4.40 -11.02
N LYS A 199 24.88 -5.02 -11.55
CA LYS A 199 24.74 -5.87 -12.73
C LYS A 199 23.68 -6.93 -12.51
N LYS A 200 23.70 -7.59 -11.34
CA LYS A 200 22.75 -8.68 -11.14
C LYS A 200 21.32 -8.15 -11.06
N LEU A 201 21.12 -6.99 -10.40
CA LEU A 201 19.79 -6.41 -10.26
C LEU A 201 19.29 -5.83 -11.59
N LEU A 202 20.22 -5.34 -12.39
CA LEU A 202 19.84 -4.80 -13.69
C LEU A 202 19.37 -5.91 -14.62
N GLU A 203 20.16 -6.97 -14.76
CA GLU A 203 19.81 -8.02 -15.71
C GLU A 203 18.53 -8.69 -15.27
N ALA A 204 18.36 -8.81 -13.94
CA ALA A 204 17.11 -9.34 -13.44
C ALA A 204 15.95 -8.37 -13.49
N GLY A 205 16.11 -7.17 -14.10
CA GLY A 205 15.00 -6.21 -14.16
C GLY A 205 14.51 -5.62 -12.85
N PHE A 206 15.30 -5.71 -11.78
CA PHE A 206 14.87 -5.09 -10.53
C PHE A 206 15.13 -3.58 -10.47
N ILE A 207 16.02 -3.07 -11.33
CA ILE A 207 16.42 -1.67 -11.35
C ILE A 207 16.69 -1.34 -12.81
N GLY A 208 16.86 -0.04 -13.11
CA GLY A 208 17.15 0.41 -14.45
C GLY A 208 18.44 1.21 -14.52
N ILE A 209 18.75 1.68 -15.72
CA ILE A 209 19.82 2.63 -15.93
C ILE A 209 19.17 4.02 -16.13
N PRO A 210 19.37 4.97 -15.21
CA PRO A 210 18.82 6.32 -15.45
C PRO A 210 19.18 6.87 -16.82
N ARG A 211 18.17 7.13 -17.67
CA ARG A 211 18.35 7.57 -19.06
C ARG A 211 19.50 8.57 -19.15
N ASN A 212 19.64 9.39 -18.12
CA ASN A 212 20.81 10.21 -17.87
C ASN A 212 22.13 9.50 -18.14
N MET A 213 22.44 8.50 -17.31
CA MET A 213 23.80 8.00 -17.14
C MET A 213 23.96 6.61 -17.73
N THR A 214 25.21 6.14 -17.74
CA THR A 214 25.58 4.84 -18.30
C THR A 214 25.52 3.75 -17.23
N MET A 215 25.63 2.50 -17.70
CA MET A 215 25.73 1.39 -16.77
C MET A 215 26.95 1.54 -15.88
N SER A 216 28.08 1.92 -16.49
CA SER A 216 29.34 1.97 -15.76
C SER A 216 29.30 3.02 -14.66
N SER A 217 28.64 4.16 -14.92
CA SER A 217 28.54 5.18 -13.89
C SER A 217 27.58 4.76 -12.79
N LEU A 218 26.47 4.10 -13.17
CA LEU A 218 25.51 3.60 -12.20
C LEU A 218 26.18 2.68 -11.19
N ILE A 219 26.96 1.72 -11.69
CA ILE A 219 27.77 0.85 -10.84
C ILE A 219 28.63 1.67 -9.88
N LYS A 220 29.36 2.64 -10.40
CA LYS A 220 30.23 3.44 -9.54
C LYS A 220 29.41 4.19 -8.51
N TYR A 221 28.25 4.70 -8.91
CA TYR A 221 27.45 5.51 -7.98
C TYR A 221 27.00 4.69 -6.79
N HIS A 222 26.75 3.39 -6.98
CA HIS A 222 26.20 2.53 -5.93
C HIS A 222 27.24 1.70 -5.25
N ARG A 223 28.51 1.92 -5.55
CA ARG A 223 29.55 1.19 -4.83
C ARG A 223 29.41 1.43 -3.33
N ILE A 224 29.81 0.45 -2.55
CA ILE A 224 29.89 0.58 -1.10
C ILE A 224 31.25 1.19 -0.75
N PRO A 225 31.30 2.36 -0.14
CA PRO A 225 32.60 3.01 0.12
C PRO A 225 33.35 2.17 1.15
N ALA A 226 34.54 1.73 0.77
CA ALA A 226 35.40 0.92 1.63
C ALA A 226 36.72 1.62 1.94
N ASP A 227 36.76 2.95 1.77
CA ASP A 227 37.97 3.72 2.00
C ASP A 227 38.14 4.23 3.43
N LYS A 228 37.25 3.86 4.35
CA LYS A 228 37.35 4.22 5.77
C LYS A 228 36.72 3.08 6.58
N ARG A 229 37.56 2.18 7.09
CA ARG A 229 37.09 0.94 7.68
C ARG A 229 37.31 0.92 9.19
N ILE A 230 36.31 0.43 9.92
CA ILE A 230 36.35 0.31 11.37
C ILE A 230 37.03 -1.01 11.69
N GLU A 231 38.19 -0.94 12.34
CA GLU A 231 38.85 -2.15 12.79
C GLU A 231 38.10 -2.72 14.01
N GLY A 232 38.18 -4.04 14.18
CA GLY A 232 37.75 -4.70 15.38
C GLY A 232 36.39 -5.38 15.29
N PHE A 233 35.79 -5.40 14.13
CA PHE A 233 34.54 -6.14 13.94
C PHE A 233 34.85 -7.60 13.61
N ARG A 234 34.06 -8.51 14.16
CA ARG A 234 34.21 -9.93 13.88
C ARG A 234 32.89 -10.62 14.12
N PRO A 235 32.68 -11.81 13.56
CA PRO A 235 31.42 -12.53 13.79
C PRO A 235 31.28 -12.92 15.26
N SER A 236 30.05 -12.83 15.77
CA SER A 236 29.78 -13.27 17.13
C SER A 236 30.05 -14.76 17.25
N VAL A 237 30.30 -15.21 18.48
CA VAL A 237 30.36 -16.63 18.81
C VAL A 237 29.50 -16.87 20.04
N ASP A 238 29.20 -18.15 20.30
CA ASP A 238 28.32 -18.50 21.42
C ASP A 238 28.77 -17.84 22.71
N SER A 239 30.09 -17.71 22.90
CA SER A 239 30.63 -17.25 24.17
C SER A 239 30.51 -15.75 24.36
N ASP A 240 30.09 -15.02 23.32
CA ASP A 240 29.78 -13.61 23.46
C ASP A 240 28.42 -13.33 24.08
N ALA A 241 27.60 -14.35 24.33
CA ALA A 241 26.16 -14.11 24.52
C ALA A 241 25.87 -13.23 25.72
N GLU A 242 26.67 -13.30 26.77
CA GLU A 242 26.40 -12.50 27.96
C GLU A 242 26.76 -11.04 27.71
N GLN A 243 27.90 -10.79 27.05
CA GLN A 243 28.25 -9.42 26.66
C GLN A 243 27.20 -8.83 25.74
N ILE A 244 26.66 -9.64 24.83
CA ILE A 244 25.65 -9.14 23.90
C ILE A 244 24.36 -8.86 24.65
N CYS A 245 23.97 -9.75 25.55
CA CYS A 245 22.78 -9.51 26.35
C CYS A 245 22.88 -8.14 27.08
N LYS A 246 24.00 -7.88 27.75
CA LYS A 246 24.17 -6.60 28.41
C LYS A 246 24.20 -5.43 27.43
N LEU A 247 24.86 -5.59 26.27
CA LEU A 247 24.86 -4.54 25.27
C LEU A 247 23.41 -4.12 24.88
N PHE A 248 22.53 -5.11 24.59
CA PHE A 248 21.13 -4.78 24.32
C PHE A 248 20.42 -4.11 25.50
N GLU A 249 20.65 -4.59 26.72
CA GLU A 249 19.99 -3.97 27.85
C GLU A 249 20.33 -2.50 27.94
N ASN A 250 21.61 -2.15 27.67
CA ASN A 250 22.06 -0.76 27.78
C ASN A 250 21.54 0.07 26.65
N TYR A 251 21.38 -0.54 25.46
CA TYR A 251 20.78 0.15 24.32
C TYR A 251 19.30 0.48 24.60
N PHE A 252 18.57 -0.49 25.13
CA PHE A 252 17.16 -0.24 25.44
C PHE A 252 17.05 0.74 26.61
N MET A 253 18.02 0.72 27.54
CA MET A 253 18.01 1.73 28.60
C MET A 253 18.16 3.14 28.04
N LYS A 254 19.09 3.32 27.12
CA LYS A 254 19.36 4.65 26.58
C LYS A 254 18.16 5.23 25.85
N TYR A 255 17.41 4.37 25.13
CA TYR A 255 16.33 4.81 24.27
C TYR A 255 14.94 4.69 24.94
N LYS A 256 14.91 4.37 26.20
CA LYS A 256 13.62 4.04 26.81
C LYS A 256 12.68 5.25 26.89
N ASP A 257 11.37 4.93 26.94
CA ASP A 257 10.31 5.93 27.01
C ASP A 257 9.66 6.01 28.39
N VAL A 258 10.22 5.34 29.38
CA VAL A 258 9.75 5.44 30.75
C VAL A 258 10.92 5.92 31.60
N SER A 259 10.61 6.30 32.84
CA SER A 259 11.66 6.66 33.77
C SER A 259 12.55 5.46 34.05
N ASN A 260 13.68 5.78 34.67
CA ASN A 260 14.61 4.77 35.16
C ASN A 260 13.94 3.85 36.16
N GLU A 261 13.19 4.41 37.09
CA GLU A 261 12.52 3.58 38.08
C GLU A 261 11.50 2.66 37.43
N THR A 262 10.70 3.17 36.49
CA THR A 262 9.77 2.27 35.81
C THR A 262 10.53 1.17 35.08
N MET A 263 11.61 1.52 34.37
CA MET A 263 12.39 0.54 33.64
C MET A 263 12.86 -0.56 34.54
N ASN A 264 13.29 -0.22 35.75
CA ASN A 264 13.77 -1.23 36.70
C ASN A 264 12.65 -1.84 37.52
N ASN A 265 11.40 -1.48 37.26
CA ASN A 265 10.28 -2.04 37.99
C ASN A 265 9.06 -2.17 37.09
N LEU A 266 9.26 -2.80 35.94
CA LEU A 266 8.24 -2.98 34.93
C LEU A 266 7.11 -3.85 35.45
N ILE A 267 5.89 -3.52 35.03
N ILE A 267 5.88 -3.52 35.04
CA ILE A 267 4.70 -4.33 35.36
CA ILE A 267 4.72 -4.33 35.41
C ILE A 267 4.78 -5.63 34.59
C ILE A 267 4.77 -5.62 34.61
N ASN A 268 4.93 -6.74 35.30
CA ASN A 268 5.04 -8.04 34.66
C ASN A 268 3.65 -8.57 34.40
N TYR A 269 3.20 -8.50 33.14
CA TYR A 269 1.81 -8.86 32.85
C TYR A 269 1.53 -10.34 33.01
N ASP A 270 2.56 -11.20 32.86
CA ASP A 270 2.33 -12.65 33.02
C ASP A 270 1.79 -12.93 34.41
N GLU A 271 2.15 -12.09 35.38
CA GLU A 271 1.83 -12.39 36.78
C GLU A 271 0.42 -11.96 37.10
N ILE A 272 -0.21 -11.09 36.29
CA ILE A 272 -1.53 -10.56 36.63
C ILE A 272 -2.56 -10.81 35.56
N ASN A 273 -2.22 -11.53 34.48
CA ASN A 273 -3.13 -11.68 33.36
C ASN A 273 -4.26 -12.67 33.67
N HIS A 274 -4.21 -13.32 34.82
CA HIS A 274 -5.23 -14.29 35.20
C HIS A 274 -6.42 -13.65 35.89
N SER A 275 -6.46 -12.32 36.01
CA SER A 275 -7.48 -11.67 36.86
C SER A 275 -7.79 -10.31 36.26
N ALA A 276 -9.07 -10.07 35.97
CA ALA A 276 -9.47 -8.74 35.50
C ALA A 276 -9.22 -7.70 36.59
N ALA A 277 -9.32 -8.11 37.87
CA ALA A 277 -8.94 -7.18 38.93
C ALA A 277 -7.47 -6.78 38.79
N LEU A 278 -6.55 -7.73 38.91
CA LEU A 278 -5.13 -7.37 38.91
C LEU A 278 -4.62 -6.89 37.56
N GLY A 279 -5.13 -7.47 36.48
CA GLY A 279 -4.60 -7.09 35.17
C GLY A 279 -4.79 -5.63 34.83
N LYS A 280 -5.80 -5.01 35.43
CA LYS A 280 -6.08 -3.60 35.18
C LYS A 280 -4.91 -2.72 35.62
N GLN A 281 -3.99 -3.26 36.43
CA GLN A 281 -2.72 -2.59 36.69
C GLN A 281 -1.97 -2.16 35.44
N ALA A 282 -2.22 -2.79 34.30
CA ALA A 282 -1.41 -2.49 33.12
C ALA A 282 -1.90 -1.29 32.35
N TYR A 283 -3.03 -0.69 32.72
CA TYR A 283 -3.52 0.49 32.02
C TYR A 283 -2.70 1.72 32.42
N MET A 284 -2.40 2.57 31.43
CA MET A 284 -1.53 3.74 31.60
C MET A 284 -1.98 4.78 30.59
N LYS A 285 -2.24 6.00 31.06
CA LYS A 285 -2.65 7.03 30.14
C LYS A 285 -1.38 7.79 29.72
N LEU A 286 -1.49 8.51 28.62
CA LEU A 286 -0.39 9.26 28.06
C LEU A 286 -0.89 10.69 27.87
N ASP A 287 -0.18 11.65 28.48
CA ASP A 287 -0.58 13.05 28.37
C ASP A 287 -0.66 13.47 26.90
N LYS A 288 0.47 13.41 26.20
CA LYS A 288 0.60 13.82 24.82
C LYS A 288 1.39 12.72 24.12
N ILE A 289 0.95 12.34 22.93
CA ILE A 289 1.67 11.32 22.20
C ILE A 289 3.10 11.79 21.87
N GLU A 290 3.30 13.09 21.73
CA GLU A 290 4.61 13.65 21.40
C GLU A 290 5.60 13.44 22.52
N ASP A 291 5.11 13.26 23.77
CA ASP A 291 5.98 12.87 24.85
C ASP A 291 6.84 11.67 24.47
N LEU A 292 6.34 10.80 23.57
CA LEU A 292 7.10 9.59 23.23
C LEU A 292 8.18 9.79 22.19
N GLN A 293 8.35 11.02 21.72
CA GLN A 293 9.06 11.27 20.48
C GLN A 293 10.47 10.69 20.46
N ASP A 294 10.69 9.77 19.53
CA ASP A 294 11.97 9.12 19.19
C ASP A 294 12.53 8.19 20.25
N LYS A 295 11.78 7.92 21.28
CA LYS A 295 12.13 6.90 22.27
C LYS A 295 11.53 5.59 21.80
N ILE A 296 12.10 4.49 22.28
CA ILE A 296 11.55 3.19 21.99
C ILE A 296 10.47 2.89 23.01
N THR A 297 9.28 2.58 22.51
CA THR A 297 8.09 2.26 23.31
C THR A 297 7.81 0.78 23.40
N ILE A 298 8.01 0.05 22.29
CA ILE A 298 7.80 -1.39 22.31
C ILE A 298 9.00 -2.07 21.67
N HIS A 299 9.55 -3.08 22.36
CA HIS A 299 10.66 -3.83 21.77
C HIS A 299 10.75 -5.22 22.35
N GLN A 300 11.44 -6.06 21.62
CA GLN A 300 11.79 -7.38 22.10
C GLN A 300 12.88 -7.26 23.14
N CYS A 301 12.87 -8.17 24.11
CA CYS A 301 13.82 -8.24 25.20
C CYS A 301 14.48 -9.60 25.11
N PHE A 302 15.79 -9.64 25.21
CA PHE A 302 16.53 -10.86 25.00
C PHE A 302 17.30 -11.25 26.26
N ASN A 303 17.10 -12.46 26.74
CA ASN A 303 17.99 -13.01 27.76
C ASN A 303 19.17 -13.68 27.02
N VAL A 304 20.01 -14.39 27.77
CA VAL A 304 21.26 -14.91 27.22
C VAL A 304 21.01 -16.05 26.26
N GLU A 305 20.08 -16.95 26.63
CA GLU A 305 19.63 -18.00 25.72
C GLU A 305 19.07 -17.41 24.42
N ASP A 306 18.28 -16.35 24.52
CA ASP A 306 17.76 -15.74 23.31
C ASP A 306 18.89 -15.17 22.45
N VAL A 307 19.81 -14.46 23.09
CA VAL A 307 20.94 -13.91 22.34
C VAL A 307 21.65 -15.00 21.57
N LYS A 308 21.95 -16.11 22.25
CA LYS A 308 22.67 -17.22 21.67
C LYS A 308 21.99 -17.70 20.40
N HIS A 309 20.67 -17.75 20.41
CA HIS A 309 19.98 -18.30 19.27
C HIS A 309 19.86 -17.27 18.15
N TYR A 310 19.48 -16.04 18.47
CA TYR A 310 19.16 -15.08 17.40
C TYR A 310 20.42 -14.43 16.82
N PHE A 311 21.37 -14.02 17.65
CA PHE A 311 22.52 -13.23 17.21
C PHE A 311 23.72 -14.13 16.97
N THR A 312 23.51 -15.06 16.03
CA THR A 312 24.51 -16.06 15.70
C THR A 312 24.91 -15.85 14.24
N ASN A 313 25.63 -16.84 13.71
CA ASN A 313 26.03 -16.81 12.32
C ASN A 313 25.72 -18.15 11.68
N ILE A 314 24.84 -18.13 10.69
CA ILE A 314 24.52 -19.34 9.92
C ILE A 314 24.59 -18.95 8.46
N ASP A 315 25.45 -19.63 7.72
CA ASP A 315 25.67 -19.26 6.33
C ASP A 315 24.36 -19.15 5.58
N LYS A 316 24.21 -18.01 4.87
CA LYS A 316 23.04 -17.68 4.07
C LYS A 316 21.76 -17.66 4.89
N VAL A 317 21.85 -17.28 6.17
CA VAL A 317 20.63 -17.12 6.98
C VAL A 317 20.72 -15.89 7.87
N ILE A 318 21.69 -15.89 8.77
CA ILE A 318 21.83 -14.80 9.75
C ILE A 318 23.31 -14.48 9.91
N VAL A 319 23.63 -13.18 9.88
CA VAL A 319 25.00 -12.71 10.06
C VAL A 319 24.98 -11.73 11.24
N THR A 320 25.83 -11.96 12.23
CA THR A 320 25.92 -11.11 13.42
C THR A 320 27.39 -10.81 13.64
N TYR A 321 27.78 -9.54 13.57
CA TYR A 321 29.14 -9.14 13.87
C TYR A 321 29.13 -8.26 15.13
N VAL A 322 30.21 -8.33 15.92
CA VAL A 322 30.36 -7.49 17.09
C VAL A 322 31.70 -6.76 16.94
N ARG A 323 31.81 -5.60 17.60
CA ARG A 323 33.07 -4.91 17.70
C ARG A 323 33.67 -5.19 19.07
N GLU A 324 34.89 -5.70 19.07
CA GLU A 324 35.65 -5.97 20.30
C GLU A 324 36.69 -4.87 20.47
N ASN A 325 36.81 -4.31 21.68
CA ASN A 325 37.90 -3.39 21.94
C ASN A 325 39.16 -4.17 22.38
N LYS A 326 40.24 -3.46 22.69
CA LYS A 326 41.49 -4.12 23.07
C LYS A 326 41.39 -4.83 24.41
N ASN A 327 40.28 -4.72 25.13
CA ASN A 327 40.11 -5.46 26.38
C ASN A 327 39.11 -6.61 26.24
N LYS A 328 38.81 -7.02 25.01
CA LYS A 328 37.88 -8.13 24.74
C LYS A 328 36.46 -7.79 25.18
N GLU A 329 36.16 -6.50 25.24
CA GLU A 329 34.83 -6.03 25.61
C GLU A 329 34.08 -5.69 24.34
N ILE A 330 32.88 -6.20 24.22
CA ILE A 330 32.03 -5.97 23.07
C ILE A 330 31.32 -4.63 23.20
N THR A 331 31.50 -3.75 22.21
CA THR A 331 31.02 -2.37 22.25
C THR A 331 29.97 -2.02 21.22
N ASP A 332 29.81 -2.84 20.18
CA ASP A 332 28.95 -2.57 19.04
C ASP A 332 28.52 -3.89 18.44
N LEU A 333 27.37 -3.87 17.75
CA LEU A 333 26.89 -5.06 17.05
C LEU A 333 26.12 -4.64 15.80
N PHE A 334 26.32 -5.32 14.68
CA PHE A 334 25.38 -5.25 13.56
C PHE A 334 24.87 -6.66 13.24
N SER A 335 23.67 -6.75 12.68
CA SER A 335 23.15 -8.06 12.29
C SER A 335 22.14 -7.91 11.15
N PHE A 336 22.11 -8.92 10.28
CA PHE A 336 21.12 -8.94 9.21
C PHE A 336 20.85 -10.39 8.85
N PHE A 337 19.62 -10.64 8.39
CA PHE A 337 19.28 -11.99 7.94
C PHE A 337 19.17 -11.96 6.42
N ILE A 338 19.13 -13.15 5.85
CA ILE A 338 19.24 -13.30 4.41
C ILE A 338 18.13 -14.19 3.92
N ILE A 339 17.45 -13.78 2.88
CA ILE A 339 16.42 -14.59 2.23
C ILE A 339 16.78 -14.70 0.77
N GLU A 340 16.94 -15.92 0.28
CA GLU A 340 17.25 -16.14 -1.12
C GLU A 340 15.94 -16.08 -1.88
N SER A 341 15.94 -15.34 -2.98
N SER A 341 15.92 -15.33 -2.96
CA SER A 341 14.77 -15.13 -3.80
CA SER A 341 14.71 -15.19 -3.75
C SER A 341 15.03 -15.73 -5.17
C SER A 341 15.01 -15.60 -5.19
N THR A 342 13.95 -15.96 -5.91
CA THR A 342 14.05 -16.35 -7.31
C THR A 342 12.98 -15.54 -8.04
N VAL A 343 13.25 -15.24 -9.31
CA VAL A 343 12.39 -14.42 -10.12
C VAL A 343 11.23 -15.22 -10.71
N PRO A 350 17.17 -17.15 -12.07
CA PRO A 350 17.99 -16.17 -11.36
C PRO A 350 17.83 -16.17 -9.83
N THR A 351 18.96 -16.28 -9.13
CA THR A 351 18.97 -16.35 -7.67
C THR A 351 19.44 -15.02 -7.06
N ILE A 352 18.60 -14.43 -6.24
CA ILE A 352 18.90 -13.14 -5.66
C ILE A 352 18.89 -13.28 -4.14
N ASN A 353 19.94 -12.78 -3.50
CA ASN A 353 20.07 -12.88 -2.06
C ASN A 353 19.87 -11.50 -1.46
N ILE A 354 18.85 -11.38 -0.61
CA ILE A 354 18.47 -10.11 -0.02
C ILE A 354 18.85 -10.18 1.46
N ALA A 355 19.67 -9.25 1.90
CA ALA A 355 19.89 -9.01 3.31
C ALA A 355 18.79 -8.10 3.87
N TYR A 356 18.36 -8.36 5.10
CA TYR A 356 17.50 -7.45 5.85
C TYR A 356 18.18 -7.04 7.14
N SER A 357 18.21 -5.74 7.41
CA SER A 357 18.67 -5.24 8.70
C SER A 357 17.92 -5.89 9.86
N TYR A 358 18.67 -6.34 10.89
CA TYR A 358 18.00 -7.04 12.01
C TYR A 358 18.04 -6.10 13.20
N PHE A 359 18.95 -6.29 14.16
CA PHE A 359 19.20 -5.32 15.24
C PHE A 359 20.64 -4.81 15.20
N ASN A 360 20.79 -3.49 15.42
CA ASN A 360 22.08 -2.82 15.28
C ASN A 360 22.27 -1.85 16.44
N ILE A 361 23.48 -1.86 17.00
CA ILE A 361 23.84 -1.00 18.11
C ILE A 361 25.20 -0.37 17.77
N ALA A 362 25.20 0.94 17.56
CA ALA A 362 26.37 1.75 17.29
C ALA A 362 26.69 2.59 18.53
N ASN A 363 27.83 2.30 19.15
CA ASN A 363 28.30 2.99 20.33
C ASN A 363 29.61 3.70 20.12
N THR A 364 30.57 3.09 19.41
CA THR A 364 31.92 3.62 19.26
C THR A 364 32.19 4.08 17.84
N CYS A 365 31.19 3.98 16.98
CA CYS A 365 31.21 4.59 15.66
C CYS A 365 29.81 5.13 15.44
N SER A 366 29.63 5.94 14.42
CA SER A 366 28.31 6.43 14.07
C SER A 366 27.45 5.31 13.46
N LEU A 367 26.12 5.53 13.40
CA LEU A 367 25.27 4.48 12.84
C LEU A 367 25.51 4.31 11.33
N LYS A 368 25.78 5.41 10.61
CA LYS A 368 26.15 5.28 9.20
C LYS A 368 27.41 4.42 9.04
N GLU A 369 28.40 4.63 9.91
CA GLU A 369 29.64 3.86 9.87
C GLU A 369 29.41 2.38 10.15
N LEU A 370 28.61 2.07 11.17
CA LEU A 370 28.27 0.67 11.44
C LEU A 370 27.55 0.05 10.24
N PHE A 371 26.60 0.78 9.63
CA PHE A 371 25.88 0.26 8.48
C PHE A 371 26.82 0.09 7.28
N ASN A 372 27.75 1.02 7.07
CA ASN A 372 28.72 0.87 6.00
C ASN A 372 29.44 -0.46 6.16
N GLU A 373 29.96 -0.72 7.36
CA GLU A 373 30.63 -1.99 7.62
C GLU A 373 29.70 -3.19 7.39
N MET A 374 28.45 -3.09 7.85
CA MET A 374 27.50 -4.16 7.60
C MET A 374 27.25 -4.36 6.11
N LEU A 375 27.14 -3.26 5.35
CA LEU A 375 26.90 -3.36 3.92
C LEU A 375 28.04 -4.06 3.19
N ILE A 376 29.28 -3.81 3.63
CA ILE A 376 30.45 -4.51 3.06
C ILE A 376 30.38 -6.00 3.38
N THR A 377 29.93 -6.34 4.59
CA THR A 377 29.83 -7.73 5.01
C THR A 377 28.71 -8.43 4.27
N ALA A 378 27.63 -7.72 4.01
CA ALA A 378 26.56 -8.26 3.17
C ALA A 378 27.06 -8.49 1.74
N LYS A 379 27.80 -7.52 1.19
CA LYS A 379 28.40 -7.74 -0.14
C LYS A 379 29.29 -8.99 -0.14
N ASN A 380 30.10 -9.14 0.90
CA ASN A 380 30.95 -10.32 1.02
C ASN A 380 30.15 -11.60 1.23
N ASN A 381 28.90 -11.52 1.67
CA ASN A 381 28.08 -12.71 1.81
C ASN A 381 27.19 -12.94 0.59
N ASN A 382 27.56 -12.38 -0.56
CA ASN A 382 26.85 -12.58 -1.81
C ASN A 382 25.46 -11.97 -1.80
N CYS A 383 25.22 -10.97 -0.97
CA CYS A 383 23.92 -10.30 -0.97
C CYS A 383 23.86 -9.28 -2.10
N ASP A 384 22.74 -9.25 -2.81
CA ASP A 384 22.60 -8.36 -3.95
C ASP A 384 21.96 -7.03 -3.62
N ALA A 385 21.28 -6.94 -2.50
CA ALA A 385 20.70 -5.71 -2.03
C ALA A 385 20.48 -5.85 -0.53
N PHE A 386 20.26 -4.73 0.12
CA PHE A 386 20.18 -4.68 1.57
C PHE A 386 18.96 -3.81 1.88
N ASN A 387 18.02 -4.38 2.62
CA ASN A 387 16.77 -3.74 2.96
C ASN A 387 16.77 -3.33 4.44
N THR A 388 16.30 -2.12 4.70
N THR A 388 16.25 -2.13 4.70
CA THR A 388 16.23 -1.60 6.06
CA THR A 388 16.26 -1.55 6.03
C THR A 388 14.90 -0.87 6.22
C THR A 388 14.93 -0.82 6.23
N LEU A 389 14.20 -1.17 7.30
CA LEU A 389 13.01 -0.43 7.69
C LEU A 389 13.43 0.85 8.43
N ASP A 390 12.53 1.83 8.45
CA ASP A 390 12.81 3.06 9.19
C ASP A 390 12.42 2.90 10.69
N LEU A 391 12.63 1.69 11.22
CA LEU A 391 12.48 1.39 12.64
C LEU A 391 13.69 1.87 13.48
N MET A 392 13.45 1.99 14.78
CA MET A 392 14.47 2.43 15.71
C MET A 392 15.11 3.71 15.24
N GLN A 393 16.44 3.72 15.09
CA GLN A 393 17.14 4.92 14.63
C GLN A 393 17.61 4.81 13.18
N ASN A 394 17.09 3.84 12.43
CA ASN A 394 17.61 3.60 11.09
C ASN A 394 17.44 4.80 10.19
N LEU A 395 16.56 5.74 10.53
CA LEU A 395 16.45 6.90 9.62
C LEU A 395 17.69 7.79 9.64
N GLN A 396 18.50 7.72 10.69
CA GLN A 396 19.79 8.42 10.65
C GLN A 396 20.66 7.90 9.50
N VAL A 397 20.52 6.62 9.17
CA VAL A 397 21.31 6.00 8.09
C VAL A 397 20.74 6.34 6.72
N ILE A 398 19.41 6.24 6.58
CA ILE A 398 18.82 6.26 5.23
C ILE A 398 18.41 7.64 4.80
N GLN A 399 18.44 8.63 5.68
CA GLN A 399 18.27 10.01 5.27
C GLN A 399 19.53 10.50 4.57
N ASP A 400 19.33 11.18 3.44
CA ASP A 400 20.44 11.78 2.68
C ASP A 400 21.59 10.79 2.51
N SER A 401 21.26 9.68 1.86
CA SER A 401 22.21 8.59 1.66
C SER A 401 22.01 8.09 0.23
N LYS A 402 22.52 6.90 -0.06
CA LYS A 402 22.26 6.22 -1.30
C LYS A 402 21.15 5.20 -1.18
N PHE A 403 20.49 5.15 -0.03
CA PHE A 403 19.33 4.26 0.13
C PHE A 403 18.18 4.81 -0.71
N ILE A 404 17.41 3.93 -1.31
CA ILE A 404 16.23 4.32 -2.08
C ILE A 404 15.00 3.85 -1.33
N ILE A 405 14.05 4.77 -1.17
CA ILE A 405 12.82 4.47 -0.47
C ILE A 405 12.04 3.44 -1.27
N GLY A 406 11.41 2.50 -0.59
CA GLY A 406 10.62 1.49 -1.24
C GLY A 406 9.17 1.89 -1.41
N THR A 407 8.43 1.00 -2.04
CA THR A 407 6.98 1.12 -2.02
C THR A 407 6.33 0.20 -0.98
N GLY A 408 7.07 -0.79 -0.49
CA GLY A 408 6.52 -1.74 0.46
C GLY A 408 6.36 -1.09 1.82
N ARG A 409 5.15 -1.09 2.36
CA ARG A 409 4.87 -0.50 3.67
C ARG A 409 4.30 -1.55 4.60
N LEU A 410 4.91 -1.70 5.75
CA LEU A 410 4.71 -2.80 6.67
C LEU A 410 3.93 -2.34 7.88
N ARG A 411 2.69 -2.79 8.00
CA ARG A 411 1.82 -2.38 9.06
C ARG A 411 2.04 -3.28 10.26
N TYR A 412 2.29 -2.67 11.42
CA TYR A 412 2.50 -3.38 12.67
C TYR A 412 1.20 -3.37 13.45
N TYR A 413 0.83 -4.54 13.95
CA TYR A 413 -0.37 -4.75 14.74
C TYR A 413 -0.08 -5.45 16.06
N VAL A 414 -0.88 -5.15 17.09
CA VAL A 414 -0.83 -5.92 18.33
C VAL A 414 -2.25 -6.40 18.64
N PHE A 415 -2.40 -7.68 18.93
CA PHE A 415 -3.69 -8.29 19.26
C PHE A 415 -3.90 -8.20 20.76
N ASN A 416 -5.03 -7.61 21.16
CA ASN A 416 -5.45 -7.52 22.56
C ASN A 416 -4.51 -6.67 23.39
N TRP A 417 -4.05 -5.56 22.83
CA TRP A 417 -3.40 -4.52 23.60
C TRP A 417 -3.64 -3.19 22.93
N LYS A 418 -3.59 -2.14 23.73
CA LYS A 418 -3.76 -0.76 23.26
C LYS A 418 -2.37 -0.15 23.17
N ILE A 419 -2.03 0.32 22.00
CA ILE A 419 -0.80 1.08 21.78
C ILE A 419 -1.25 2.27 20.93
N PRO A 420 -0.94 3.54 21.31
CA PRO A 420 -1.24 4.67 20.43
C PRO A 420 -0.46 4.52 19.13
N GLN A 421 -1.00 5.12 18.07
CA GLN A 421 -0.28 5.20 16.81
C GLN A 421 0.98 6.01 17.00
N ILE A 422 2.11 5.38 16.68
CA ILE A 422 3.42 5.89 17.04
C ILE A 422 4.30 5.80 15.80
N SER A 423 5.33 6.47 15.83
CA SER A 423 6.27 6.50 14.73
C SER A 423 7.13 5.23 14.74
N PRO A 424 7.58 4.79 13.56
CA PRO A 424 8.35 3.54 13.51
C PRO A 424 9.65 3.63 14.30
N SER A 425 10.12 4.82 14.49
CA SER A 425 11.30 4.99 15.30
C SER A 425 11.04 4.65 16.76
N ASN A 426 9.77 4.44 17.14
CA ASN A 426 9.45 4.06 18.51
C ASN A 426 9.35 2.56 18.66
N VAL A 427 9.70 1.80 17.62
CA VAL A 427 9.43 0.36 17.56
C VAL A 427 10.72 -0.44 17.34
N GLY A 428 10.97 -1.42 18.24
CA GLY A 428 12.10 -2.32 18.27
C GLY A 428 11.70 -3.78 18.17
N ILE A 429 10.98 -4.04 17.13
CA ILE A 429 10.52 -5.37 16.76
C ILE A 429 10.72 -5.57 15.27
N ILE A 430 11.38 -6.68 14.93
CA ILE A 430 11.68 -7.05 13.54
C ILE A 430 11.11 -8.44 13.33
N LEU A 431 10.26 -8.60 12.33
CA LEU A 431 9.76 -9.93 12.01
C LEU A 431 10.47 -10.49 10.76
N PHE A 432 10.43 -11.81 10.67
CA PHE A 432 11.13 -12.51 9.61
C PHE A 432 10.28 -12.65 8.36
N SER B 4 7.56 -4.71 -1.36
CA SER B 4 6.61 -5.00 -2.43
C SER B 4 7.14 -4.37 -3.71
N ILE B 5 8.37 -4.75 -4.06
CA ILE B 5 9.07 -4.29 -5.26
C ILE B 5 9.07 -5.44 -6.25
N LYS B 6 8.68 -5.15 -7.49
CA LYS B 6 8.52 -6.14 -8.55
C LYS B 6 9.62 -6.03 -9.61
N PRO B 7 10.19 -7.15 -10.05
CA PRO B 7 11.05 -7.12 -11.25
C PRO B 7 10.22 -6.95 -12.52
N HIS B 8 10.79 -6.23 -13.49
CA HIS B 8 10.05 -5.77 -14.66
C HIS B 8 10.64 -6.35 -15.93
N LYS B 9 9.76 -6.77 -16.85
CA LYS B 9 10.17 -7.11 -18.21
C LYS B 9 9.70 -6.10 -19.23
N PHE B 10 8.63 -5.36 -18.94
CA PHE B 10 8.05 -4.38 -19.84
C PHE B 10 8.23 -2.96 -19.35
N TRP B 11 7.85 -2.67 -18.10
CA TRP B 11 7.88 -1.28 -17.65
C TRP B 11 9.28 -0.70 -17.59
N ASN B 12 10.33 -1.49 -17.51
CA ASN B 12 11.64 -0.85 -17.50
C ASN B 12 12.10 -0.43 -18.87
N THR B 13 11.36 -0.74 -19.93
CA THR B 13 11.67 -0.28 -21.28
C THR B 13 10.89 0.99 -21.64
N GLN B 14 10.02 1.43 -20.78
CA GLN B 14 9.09 2.49 -21.15
C GLN B 14 9.56 3.86 -20.67
N PRO B 15 9.09 4.92 -21.28
CA PRO B 15 9.51 6.27 -20.85
C PRO B 15 8.66 6.81 -19.69
N VAL B 16 8.89 6.24 -18.51
CA VAL B 16 8.27 6.67 -17.25
C VAL B 16 9.39 6.68 -16.21
N VAL B 17 9.25 7.57 -15.21
CA VAL B 17 10.24 7.57 -14.13
C VAL B 17 10.22 6.22 -13.42
N GLN B 18 11.39 5.64 -13.25
CA GLN B 18 11.55 4.32 -12.63
C GLN B 18 11.73 4.49 -11.12
N ASN B 19 11.42 3.42 -10.38
CA ASN B 19 11.47 3.48 -8.92
C ASN B 19 12.88 3.78 -8.43
N ASP B 20 13.91 3.47 -9.21
CA ASP B 20 15.27 3.71 -8.76
C ASP B 20 15.84 5.06 -9.20
N ASP B 21 15.11 5.88 -9.96
CA ASP B 21 15.66 7.18 -10.34
C ASP B 21 15.86 8.08 -9.11
N SER B 22 16.70 9.10 -9.30
CA SER B 22 17.05 9.99 -8.19
C SER B 22 17.11 11.46 -8.62
N SER B 23 16.52 11.81 -9.76
CA SER B 23 16.55 13.20 -10.21
C SER B 23 15.53 13.50 -11.31
N TYR B 26 12.81 17.16 -8.95
CA TYR B 26 13.35 18.50 -9.16
C TYR B 26 12.68 19.19 -10.34
N SER B 27 12.45 18.41 -11.39
CA SER B 27 12.23 18.91 -12.73
C SER B 27 10.89 18.47 -13.31
N PHE B 28 10.42 19.27 -14.25
CA PHE B 28 9.30 18.92 -15.11
C PHE B 28 9.77 18.81 -16.55
N GLY B 29 9.01 18.06 -17.34
CA GLY B 29 9.17 18.07 -18.76
C GLY B 29 8.95 16.69 -19.33
N PRO B 30 8.88 16.60 -20.64
CA PRO B 30 8.72 15.28 -21.28
C PRO B 30 9.95 14.41 -21.07
N ILE B 31 9.70 13.10 -20.94
CA ILE B 31 10.82 12.19 -20.79
C ILE B 31 11.45 11.93 -22.14
N GLU B 32 10.65 11.70 -23.18
CA GLU B 32 11.20 11.50 -24.51
C GLU B 32 10.34 12.25 -25.53
N ILE B 33 10.97 12.70 -26.58
CA ILE B 33 10.29 13.42 -27.67
C ILE B 33 10.56 12.61 -28.94
N GLU B 34 9.56 11.85 -29.39
CA GLU B 34 9.74 10.90 -30.49
C GLU B 34 8.49 10.85 -31.34
N PRO B 35 8.30 11.85 -32.23
CA PRO B 35 7.01 11.98 -32.92
C PRO B 35 6.86 11.20 -34.23
N ASP B 36 7.97 10.84 -34.88
CA ASP B 36 7.89 10.04 -36.09
C ASP B 36 8.54 8.67 -35.95
N SER B 37 9.26 8.40 -34.85
CA SER B 37 10.04 7.18 -34.69
C SER B 37 9.32 6.12 -33.85
N PHE B 38 8.03 6.26 -33.61
CA PHE B 38 7.29 5.29 -32.80
C PHE B 38 6.63 4.23 -33.68
N ARG B 39 6.47 3.02 -33.12
CA ARG B 39 5.87 1.93 -33.88
C ARG B 39 4.43 2.28 -34.23
N LYS B 40 4.09 2.13 -35.51
CA LYS B 40 2.74 2.40 -35.99
C LYS B 40 2.01 1.17 -36.52
N GLU B 41 2.71 0.08 -36.83
CA GLU B 41 2.07 -1.14 -37.29
C GLU B 41 1.40 -1.86 -36.13
N ILE B 42 0.09 -2.13 -36.27
CA ILE B 42 -0.72 -2.82 -35.26
C ILE B 42 0.03 -3.99 -34.65
N TYR B 43 -0.36 -4.37 -33.44
CA TYR B 43 0.39 -5.34 -32.64
C TYR B 43 -0.18 -6.74 -32.81
N LYS B 44 0.71 -7.70 -33.01
CA LYS B 44 0.31 -9.08 -33.18
C LYS B 44 -0.30 -9.61 -31.88
N LEU B 45 -1.50 -10.14 -31.99
CA LEU B 45 -2.09 -10.90 -30.91
C LEU B 45 -1.69 -12.36 -31.07
N PRO B 46 -1.87 -13.16 -30.03
CA PRO B 46 -1.75 -14.61 -30.20
C PRO B 46 -2.73 -15.09 -31.26
N ASP B 47 -2.42 -16.26 -31.83
CA ASP B 47 -3.22 -16.78 -32.93
C ASP B 47 -4.61 -17.20 -32.44
N GLY B 48 -5.61 -16.92 -33.27
CA GLY B 48 -6.98 -17.15 -32.89
C GLY B 48 -7.61 -16.05 -32.09
N PHE B 49 -6.91 -14.93 -31.90
CA PHE B 49 -7.42 -13.77 -31.20
C PHE B 49 -7.43 -12.58 -32.14
N SER B 50 -8.31 -11.63 -31.86
CA SER B 50 -8.36 -10.45 -32.68
C SER B 50 -8.76 -9.22 -31.87
N TRP B 51 -8.18 -8.10 -32.26
CA TRP B 51 -8.61 -6.81 -31.80
C TRP B 51 -10.00 -6.48 -32.35
N PHE B 52 -10.71 -5.60 -31.64
CA PHE B 52 -11.88 -4.95 -32.21
C PHE B 52 -12.13 -3.62 -31.52
N ASP B 53 -12.62 -2.67 -32.30
CA ASP B 53 -13.10 -1.42 -31.70
C ASP B 53 -14.42 -1.70 -30.99
N CYS B 54 -14.48 -1.37 -29.70
N CYS B 54 -14.46 -1.41 -29.69
CA CYS B 54 -15.67 -1.64 -28.92
CA CYS B 54 -15.68 -1.62 -28.91
C CYS B 54 -16.71 -0.55 -29.18
C CYS B 54 -16.70 -0.54 -29.24
N ASN B 55 -17.85 -0.95 -29.73
CA ASN B 55 -18.93 -0.01 -30.00
C ASN B 55 -19.70 0.26 -28.72
N LEU B 56 -19.25 1.23 -27.93
CA LEU B 56 -20.02 1.61 -26.75
C LEU B 56 -21.03 2.69 -27.07
N TRP B 57 -21.08 3.14 -28.34
CA TRP B 57 -21.94 4.23 -28.75
C TRP B 57 -23.40 3.79 -28.70
N ASP B 58 -23.73 2.72 -29.44
N ASP B 58 -23.73 2.70 -29.39
CA ASP B 58 -25.02 2.04 -29.27
CA ASP B 58 -25.05 2.09 -29.27
C ASP B 58 -25.03 1.30 -27.95
C ASP B 58 -25.10 1.25 -28.00
N ILE B 59 -25.97 1.65 -27.07
CA ILE B 59 -25.96 1.08 -25.72
C ILE B 59 -26.37 -0.38 -25.76
N GLU B 60 -27.24 -0.76 -26.69
N GLU B 60 -27.21 -0.74 -26.73
CA GLU B 60 -27.73 -2.13 -26.77
CA GLU B 60 -27.78 -2.07 -26.89
C GLU B 60 -26.86 -3.02 -27.66
C GLU B 60 -26.88 -3.01 -27.68
N SER B 61 -25.67 -2.57 -28.04
CA SER B 61 -24.81 -3.39 -28.88
C SER B 61 -24.30 -4.62 -28.13
N GLN B 62 -24.01 -5.70 -28.88
CA GLN B 62 -23.38 -6.88 -28.30
C GLN B 62 -22.02 -6.53 -27.70
N ASP B 63 -21.23 -5.70 -28.40
CA ASP B 63 -19.98 -5.22 -27.81
C ASP B 63 -20.22 -4.70 -26.39
N PHE B 64 -21.33 -3.99 -26.18
CA PHE B 64 -21.51 -3.35 -24.88
C PHE B 64 -21.83 -4.39 -23.82
N GLU B 65 -22.66 -5.39 -24.16
CA GLU B 65 -22.94 -6.51 -23.26
C GLU B 65 -21.64 -7.24 -22.90
N ASP B 66 -20.82 -7.57 -23.90
CA ASP B 66 -19.56 -8.27 -23.66
C ASP B 66 -18.56 -7.44 -22.84
N THR B 67 -18.39 -6.15 -23.18
CA THR B 67 -17.59 -5.31 -22.31
C THR B 67 -18.16 -5.31 -20.89
N TYR B 68 -19.48 -5.13 -20.74
CA TYR B 68 -20.06 -5.07 -19.41
C TYR B 68 -19.83 -6.36 -18.64
N GLN B 69 -20.03 -7.50 -19.31
CA GLN B 69 -19.84 -8.78 -18.65
C GLN B 69 -18.38 -9.04 -18.30
N LEU B 70 -17.46 -8.67 -19.21
CA LEU B 70 -16.03 -8.88 -18.94
C LEU B 70 -15.65 -8.19 -17.62
N LEU B 71 -15.94 -6.91 -17.52
CA LEU B 71 -15.57 -6.14 -16.34
C LEU B 71 -16.32 -6.58 -15.09
N LYS B 72 -17.62 -6.87 -15.21
CA LYS B 72 -18.36 -7.40 -14.08
C LYS B 72 -17.68 -8.60 -13.45
N ASP B 73 -17.26 -9.54 -14.29
CA ASP B 73 -16.73 -10.81 -13.80
C ASP B 73 -15.23 -10.76 -13.55
N HIS B 74 -14.52 -9.81 -14.14
CA HIS B 74 -13.07 -9.92 -14.17
C HIS B 74 -12.30 -8.66 -13.84
N TYR B 75 -12.94 -7.58 -13.43
CA TYR B 75 -12.24 -6.33 -13.12
C TYR B 75 -11.94 -6.19 -11.61
N VAL B 76 -11.26 -7.15 -10.98
CA VAL B 76 -10.71 -6.93 -9.61
C VAL B 76 -9.66 -8.02 -9.33
N SER B 81 -11.10 -10.04 -3.19
CA SER B 81 -11.71 -11.06 -4.05
C SER B 81 -13.08 -11.49 -3.52
N GLN B 82 -13.59 -10.76 -2.53
CA GLN B 82 -14.97 -10.89 -2.10
C GLN B 82 -15.85 -9.72 -2.52
N PHE B 83 -15.24 -8.59 -2.89
CA PHE B 83 -15.95 -7.46 -3.47
C PHE B 83 -15.58 -7.35 -4.94
N ARG B 84 -16.59 -7.09 -5.78
CA ARG B 84 -16.41 -6.87 -7.21
C ARG B 84 -17.11 -5.57 -7.58
N PHE B 85 -16.47 -4.77 -8.42
CA PHE B 85 -17.20 -3.63 -8.97
C PHE B 85 -18.26 -4.10 -9.96
N ASN B 86 -19.38 -3.37 -10.02
CA ASN B 86 -20.41 -3.61 -11.03
C ASN B 86 -20.69 -2.31 -11.77
N TYR B 87 -19.74 -1.89 -12.57
CA TYR B 87 -19.92 -0.72 -13.43
C TYR B 87 -21.07 -0.92 -14.39
N SER B 88 -22.08 -0.04 -14.31
CA SER B 88 -23.22 -0.18 -15.22
C SER B 88 -22.88 0.29 -16.63
N LYS B 89 -23.71 -0.11 -17.61
CA LYS B 89 -23.43 0.35 -18.98
C LYS B 89 -23.62 1.87 -19.08
N GLU B 90 -24.60 2.43 -18.38
CA GLU B 90 -24.78 3.88 -18.33
C GLU B 90 -23.55 4.59 -17.74
N PHE B 91 -22.92 4.02 -16.71
CA PHE B 91 -21.71 4.64 -16.19
C PHE B 91 -20.60 4.56 -17.21
N LEU B 92 -20.42 3.38 -17.81
CA LEU B 92 -19.31 3.21 -18.76
C LEU B 92 -19.45 4.14 -19.95
N ARG B 93 -20.67 4.39 -20.41
CA ARG B 93 -20.85 5.31 -21.52
C ARG B 93 -20.55 6.75 -21.12
N TRP B 94 -21.02 7.15 -19.95
CA TRP B 94 -20.61 8.46 -19.43
C TRP B 94 -19.08 8.55 -19.31
N ALA B 95 -18.45 7.52 -18.76
CA ALA B 95 -17.03 7.59 -18.46
C ALA B 95 -16.15 7.45 -19.69
N LEU B 96 -16.69 6.91 -20.79
CA LEU B 96 -15.85 6.59 -21.94
C LEU B 96 -16.26 7.28 -23.21
N CYS B 97 -17.54 7.60 -23.40
CA CYS B 97 -17.96 8.30 -24.59
C CYS B 97 -18.05 9.80 -24.32
N VAL B 98 -16.86 10.39 -24.20
CA VAL B 98 -16.69 11.77 -23.76
C VAL B 98 -16.52 12.65 -24.98
N PRO B 99 -16.61 13.97 -24.83
CA PRO B 99 -16.43 14.83 -26.01
C PRO B 99 -15.01 14.67 -26.58
N GLY B 100 -14.93 14.62 -27.90
CA GLY B 100 -13.67 14.45 -28.59
C GLY B 100 -13.11 13.05 -28.59
N GLN B 101 -13.88 12.07 -28.08
CA GLN B 101 -13.42 10.69 -28.04
C GLN B 101 -13.29 10.12 -29.44
N LYS B 102 -12.38 9.16 -29.57
CA LYS B 102 -12.09 8.46 -30.81
C LYS B 102 -12.66 7.04 -30.71
N LYS B 103 -13.28 6.60 -31.81
CA LYS B 103 -13.84 5.26 -31.90
C LYS B 103 -12.80 4.20 -31.54
N ASN B 104 -11.58 4.38 -32.03
CA ASN B 104 -10.52 3.39 -31.93
C ASN B 104 -9.79 3.43 -30.58
N TRP B 105 -10.20 4.27 -29.62
CA TRP B 105 -9.59 4.26 -28.31
C TRP B 105 -10.32 3.38 -27.29
N LEU B 106 -11.32 2.62 -27.72
CA LEU B 106 -11.99 1.61 -26.88
C LEU B 106 -11.68 0.23 -27.49
N VAL B 107 -10.73 -0.49 -26.88
CA VAL B 107 -10.10 -1.63 -27.52
C VAL B 107 -10.51 -2.93 -26.88
N GLY B 108 -11.10 -3.82 -27.67
CA GLY B 108 -11.48 -5.15 -27.21
C GLY B 108 -10.60 -6.26 -27.77
N VAL B 109 -10.61 -7.42 -27.12
CA VAL B 109 -9.92 -8.61 -27.62
C VAL B 109 -10.86 -9.80 -27.52
N ARG B 110 -11.02 -10.50 -28.64
CA ARG B 110 -12.00 -11.54 -28.83
C ARG B 110 -11.30 -12.86 -29.11
N VAL B 111 -11.87 -13.94 -28.60
CA VAL B 111 -11.54 -15.30 -29.04
C VAL B 111 -12.24 -15.55 -30.38
N ASN B 112 -11.45 -15.75 -31.44
CA ASN B 112 -12.06 -15.97 -32.75
C ASN B 112 -13.07 -17.12 -32.73
N GLU B 113 -12.72 -18.25 -32.09
CA GLU B 113 -13.58 -19.44 -32.22
C GLU B 113 -14.87 -19.26 -31.43
N THR B 114 -14.77 -18.93 -30.13
CA THR B 114 -15.98 -18.69 -29.34
C THR B 114 -16.60 -17.32 -29.60
N LYS B 115 -15.80 -16.34 -30.02
CA LYS B 115 -16.18 -14.94 -30.08
C LYS B 115 -16.39 -14.32 -28.70
N LYS B 116 -15.90 -14.97 -27.63
CA LYS B 116 -16.00 -14.36 -26.31
C LYS B 116 -14.93 -13.28 -26.15
N MET B 117 -15.32 -12.18 -25.50
CA MET B 117 -14.40 -11.09 -25.24
C MET B 117 -13.56 -11.44 -24.02
N VAL B 118 -12.25 -11.23 -24.10
CA VAL B 118 -11.34 -11.56 -23.02
C VAL B 118 -10.43 -10.41 -22.68
N GLY B 119 -10.51 -9.30 -23.36
CA GLY B 119 -9.60 -8.22 -23.12
C GLY B 119 -10.23 -6.88 -23.36
N PHE B 120 -9.87 -5.92 -22.52
CA PHE B 120 -10.30 -4.55 -22.68
C PHE B 120 -9.23 -3.57 -22.21
N ILE B 121 -9.10 -2.47 -22.93
CA ILE B 121 -8.40 -1.32 -22.39
C ILE B 121 -8.97 -0.08 -23.11
N SER B 122 -8.91 1.05 -22.45
CA SER B 122 -9.56 2.25 -22.96
C SER B 122 -8.70 3.46 -22.68
N ALA B 123 -8.86 4.46 -23.53
CA ALA B 123 -8.33 5.78 -23.32
C ALA B 123 -9.43 6.80 -23.57
N ILE B 124 -9.35 7.92 -22.87
CA ILE B 124 -10.19 9.07 -23.23
C ILE B 124 -9.31 10.30 -23.35
N PRO B 125 -9.69 11.27 -24.17
CA PRO B 125 -8.92 12.53 -24.26
C PRO B 125 -9.31 13.52 -23.17
N ILE B 126 -8.31 14.22 -22.62
CA ILE B 126 -8.55 15.29 -21.68
C ILE B 126 -7.50 16.37 -21.93
N LYS B 127 -7.69 17.52 -21.32
CA LYS B 127 -6.76 18.64 -21.36
C LYS B 127 -6.28 18.84 -19.94
N VAL B 128 -4.97 19.03 -19.78
CA VAL B 128 -4.40 19.17 -18.45
C VAL B 128 -3.47 20.39 -18.43
N ARG B 129 -3.36 21.00 -17.25
CA ARG B 129 -2.26 21.88 -16.92
C ARG B 129 -1.30 21.07 -16.04
N ILE B 130 -0.01 21.15 -16.35
CA ILE B 130 1.04 20.60 -15.49
C ILE B 130 2.01 21.74 -15.28
N HIS B 131 1.99 22.32 -14.06
CA HIS B 131 2.81 23.45 -13.66
C HIS B 131 2.67 24.54 -14.69
N ASN B 132 3.73 24.80 -15.46
CA ASN B 132 3.73 25.91 -16.42
C ASN B 132 3.44 25.44 -17.85
N CYS B 133 2.98 24.20 -18.02
CA CYS B 133 2.61 23.69 -19.33
C CYS B 133 1.16 23.23 -19.32
N ILE B 134 0.51 23.39 -20.48
CA ILE B 134 -0.78 22.79 -20.77
C ILE B 134 -0.63 21.93 -22.02
N MET B 135 -1.55 20.98 -22.17
N MET B 135 -1.53 20.95 -22.14
CA MET B 135 -1.46 20.02 -23.25
CA MET B 135 -1.48 20.08 -23.30
C MET B 135 -2.78 19.26 -23.36
C MET B 135 -2.76 19.25 -23.36
N ASN B 136 -3.03 18.70 -24.54
CA ASN B 136 -4.00 17.63 -24.68
C ASN B 136 -3.28 16.30 -24.42
N THR B 137 -3.96 15.41 -23.72
CA THR B 137 -3.39 14.13 -23.31
C THR B 137 -4.50 13.10 -23.18
N SER B 138 -4.20 11.99 -22.52
CA SER B 138 -5.11 10.86 -22.52
C SER B 138 -5.17 10.31 -21.11
N VAL B 139 -6.28 9.65 -20.77
CA VAL B 139 -6.38 8.86 -19.55
C VAL B 139 -6.66 7.44 -19.95
N VAL B 140 -5.86 6.51 -19.43
CA VAL B 140 -6.07 5.08 -19.70
C VAL B 140 -6.69 4.45 -18.46
N ASN B 141 -7.65 3.56 -18.71
CA ASN B 141 -8.45 3.01 -17.65
C ASN B 141 -9.16 1.79 -18.19
N PHE B 142 -9.72 1.02 -17.26
CA PHE B 142 -10.47 -0.20 -17.55
C PHE B 142 -9.63 -1.27 -18.27
N LEU B 143 -8.31 -1.29 -18.01
CA LEU B 143 -7.50 -2.43 -18.41
C LEU B 143 -8.01 -3.66 -17.71
N CYS B 144 -8.31 -4.71 -18.48
CA CYS B 144 -8.96 -5.91 -17.92
C CYS B 144 -8.65 -7.11 -18.80
N VAL B 145 -8.26 -8.22 -18.17
CA VAL B 145 -7.92 -9.46 -18.86
C VAL B 145 -8.70 -10.58 -18.17
N HIS B 146 -9.39 -11.40 -18.95
CA HIS B 146 -10.10 -12.55 -18.42
C HIS B 146 -9.21 -13.33 -17.43
N LYS B 147 -9.79 -13.65 -16.26
N LYS B 147 -9.76 -13.62 -16.32
CA LYS B 147 -9.03 -14.40 -15.26
CA LYS B 147 -9.06 -14.37 -15.30
C LYS B 147 -8.32 -15.60 -15.86
C LYS B 147 -8.32 -15.58 -15.87
N LYS B 148 -9.00 -16.33 -16.75
CA LYS B 148 -8.44 -17.56 -17.30
C LYS B 148 -7.19 -17.30 -18.12
N LEU B 149 -6.92 -16.05 -18.48
CA LEU B 149 -5.73 -15.69 -19.25
C LEU B 149 -4.73 -14.86 -18.44
N ARG B 150 -4.85 -14.87 -17.11
CA ARG B 150 -3.98 -14.03 -16.32
C ARG B 150 -2.56 -14.58 -16.32
N SER B 151 -1.59 -13.67 -16.19
CA SER B 151 -0.19 -14.00 -16.01
C SER B 151 0.39 -14.70 -17.24
N LYS B 152 -0.17 -14.41 -18.41
CA LYS B 152 0.37 -14.84 -19.69
C LYS B 152 0.94 -13.66 -20.49
N ARG B 153 1.24 -12.54 -19.83
CA ARG B 153 1.84 -11.37 -20.49
C ARG B 153 0.94 -10.80 -21.59
N LEU B 154 -0.35 -10.71 -21.31
CA LEU B 154 -1.26 -10.08 -22.26
C LEU B 154 -1.43 -8.59 -22.00
N ALA B 155 -1.33 -8.18 -20.75
CA ALA B 155 -1.48 -6.76 -20.46
C ALA B 155 -0.51 -5.89 -21.23
N PRO B 156 0.76 -6.28 -21.41
CA PRO B 156 1.67 -5.41 -22.17
C PRO B 156 1.29 -5.27 -23.64
N VAL B 157 0.73 -6.29 -24.29
CA VAL B 157 0.21 -6.11 -25.65
C VAL B 157 -0.88 -5.05 -25.67
N LEU B 158 -1.83 -5.13 -24.73
CA LEU B 158 -2.92 -4.16 -24.67
C LEU B 158 -2.37 -2.76 -24.44
N ILE B 159 -1.38 -2.64 -23.55
CA ILE B 159 -0.80 -1.33 -23.28
C ILE B 159 -0.03 -0.84 -24.50
N LYS B 160 0.77 -1.71 -25.16
CA LYS B 160 1.48 -1.24 -26.33
C LYS B 160 0.47 -0.80 -27.38
N GLU B 161 -0.60 -1.58 -27.55
CA GLU B 161 -1.56 -1.28 -28.60
C GLU B 161 -2.24 0.07 -28.36
N ILE B 162 -2.78 0.29 -27.15
CA ILE B 162 -3.44 1.58 -26.92
C ILE B 162 -2.44 2.73 -27.05
N THR B 163 -1.18 2.52 -26.66
CA THR B 163 -0.13 3.53 -26.85
C THR B 163 0.03 3.89 -28.33
N ARG B 164 0.11 2.89 -29.20
CA ARG B 164 0.14 3.14 -30.63
C ARG B 164 -1.05 3.99 -31.07
N ARG B 165 -2.25 3.60 -30.65
CA ARG B 165 -3.45 4.31 -31.08
C ARG B 165 -3.44 5.75 -30.58
N ILE B 166 -2.94 5.98 -29.36
CA ILE B 166 -2.91 7.34 -28.86
C ILE B 166 -1.84 8.16 -29.58
N ARG B 167 -0.71 7.54 -29.89
CA ARG B 167 0.35 8.23 -30.60
C ARG B 167 -0.05 8.57 -32.03
N CYS B 168 -0.83 7.68 -32.68
CA CYS B 168 -1.34 7.99 -34.03
C CYS B 168 -2.29 9.17 -34.03
N GLU B 169 -2.61 9.76 -32.86
CA GLU B 169 -3.35 11.02 -32.80
C GLU B 169 -2.47 12.18 -32.34
N LYS B 170 -1.15 12.03 -32.43
CA LYS B 170 -0.19 13.08 -32.10
C LYS B 170 -0.23 13.41 -30.61
N ILE B 171 -0.49 12.41 -29.78
CA ILE B 171 -0.54 12.54 -28.34
C ILE B 171 0.41 11.50 -27.73
N PHE B 172 1.36 11.96 -26.91
CA PHE B 172 2.47 11.14 -26.45
C PHE B 172 2.60 11.08 -24.94
N GLN B 173 1.60 11.53 -24.20
CA GLN B 173 1.59 11.40 -22.76
C GLN B 173 0.25 10.81 -22.35
N SER B 174 0.23 10.22 -21.17
CA SER B 174 -0.97 9.62 -20.59
C SER B 174 -0.93 9.69 -19.08
N ILE B 175 -2.12 9.68 -18.49
CA ILE B 175 -2.33 9.67 -17.05
C ILE B 175 -3.09 8.41 -16.68
N TYR B 176 -2.64 7.72 -15.63
CA TYR B 176 -3.37 6.58 -15.15
C TYR B 176 -3.09 6.43 -13.67
N THR B 177 -3.95 5.68 -13.02
CA THR B 177 -3.83 5.34 -11.62
C THR B 177 -3.85 3.83 -11.48
N CYS B 178 -3.28 3.37 -10.39
N CYS B 178 -3.27 3.36 -10.38
CA CYS B 178 -3.27 1.96 -10.07
CA CYS B 178 -3.22 1.94 -10.08
C CYS B 178 -3.24 1.85 -8.56
C CYS B 178 -3.12 1.76 -8.58
N GLY B 179 -3.80 0.75 -8.07
CA GLY B 179 -3.85 0.52 -6.65
C GLY B 179 -2.57 -0.02 -6.10
N LYS B 180 -1.61 -0.30 -6.96
CA LYS B 180 -0.29 -0.81 -6.56
C LYS B 180 0.79 -0.05 -7.32
N ASN B 181 2.01 -0.23 -6.86
CA ASN B 181 3.18 0.40 -7.46
C ASN B 181 3.59 -0.40 -8.69
N ILE B 182 3.62 0.28 -9.84
CA ILE B 182 4.18 -0.22 -11.09
C ILE B 182 5.59 0.36 -11.19
N THR B 183 5.68 1.62 -11.63
CA THR B 183 6.90 2.42 -11.67
C THR B 183 6.80 3.47 -10.53
N LYS B 184 7.56 4.54 -10.62
CA LYS B 184 7.50 5.56 -9.56
C LYS B 184 6.29 6.48 -9.77
N PRO B 185 5.36 6.53 -8.83
CA PRO B 185 4.22 7.44 -8.95
C PRO B 185 4.62 8.87 -8.62
N PHE B 186 3.98 9.83 -9.25
CA PHE B 186 4.23 11.22 -8.90
C PHE B 186 3.41 11.67 -7.68
N THR B 187 2.32 11.00 -7.35
CA THR B 187 1.68 11.19 -6.05
C THR B 187 0.97 9.90 -5.67
N ILE B 188 0.56 9.83 -4.42
CA ILE B 188 -0.19 8.71 -3.88
C ILE B 188 -1.39 9.27 -3.11
N GLY B 189 -2.60 8.93 -3.55
CA GLY B 189 -3.78 9.32 -2.83
C GLY B 189 -4.26 8.24 -1.89
N THR B 190 -4.92 8.66 -0.81
CA THR B 190 -5.53 7.75 0.16
C THR B 190 -7.06 7.93 0.16
N TYR B 191 -7.77 6.80 0.08
CA TYR B 191 -9.23 6.84 0.14
C TYR B 191 -9.70 6.85 1.59
N TRP B 192 -10.75 7.62 1.85
CA TRP B 192 -11.44 7.70 3.14
C TRP B 192 -12.91 7.47 2.87
N HIS B 193 -13.58 6.83 3.83
N HIS B 193 -13.59 6.75 3.76
CA HIS B 193 -14.96 6.40 3.67
CA HIS B 193 -15.00 6.45 3.57
C HIS B 193 -15.82 7.01 4.77
C HIS B 193 -15.83 6.95 4.73
N ARG B 194 -16.94 7.60 4.39
CA ARG B 194 -17.94 8.11 5.31
C ARG B 194 -19.15 7.19 5.15
N ILE B 195 -19.55 6.54 6.24
CA ILE B 195 -20.66 5.62 6.24
C ILE B 195 -21.97 6.37 6.16
N ILE B 196 -22.93 5.83 5.37
CA ILE B 196 -24.25 6.43 5.30
C ILE B 196 -25.33 5.46 5.74
N ASN B 197 -25.38 4.28 5.14
N ASN B 197 -25.40 4.28 5.13
CA ASN B 197 -26.42 3.32 5.46
CA ASN B 197 -26.43 3.30 5.45
C ASN B 197 -25.79 2.12 6.17
C ASN B 197 -25.78 2.11 6.17
N VAL B 198 -25.73 2.19 7.50
CA VAL B 198 -25.14 1.12 8.30
C VAL B 198 -25.89 -0.19 8.08
N LYS B 199 -27.22 -0.15 8.21
CA LYS B 199 -27.99 -1.38 8.04
C LYS B 199 -27.66 -2.03 6.70
N LYS B 200 -27.79 -1.27 5.61
CA LYS B 200 -27.51 -1.81 4.29
C LYS B 200 -26.08 -2.36 4.21
N LEU B 201 -25.12 -1.69 4.84
CA LEU B 201 -23.73 -2.13 4.75
C LEU B 201 -23.50 -3.43 5.52
N LEU B 202 -24.13 -3.60 6.67
CA LEU B 202 -24.04 -4.87 7.37
C LEU B 202 -24.60 -6.00 6.50
N GLU B 203 -25.88 -5.86 6.08
CA GLU B 203 -26.54 -6.97 5.39
C GLU B 203 -25.69 -7.48 4.23
N ALA B 204 -25.02 -6.57 3.52
CA ALA B 204 -24.04 -7.00 2.52
C ALA B 204 -22.83 -7.62 3.20
N GLY B 205 -22.17 -6.87 4.07
CA GLY B 205 -20.99 -7.34 4.77
C GLY B 205 -19.75 -6.48 4.61
N PHE B 206 -19.77 -5.44 3.78
CA PHE B 206 -18.58 -4.61 3.60
C PHE B 206 -18.00 -4.14 4.93
N ILE B 207 -18.78 -4.23 6.01
CA ILE B 207 -18.33 -3.87 7.35
C ILE B 207 -18.82 -4.93 8.32
N GLY B 208 -18.17 -4.97 9.48
CA GLY B 208 -18.56 -5.90 10.53
C GLY B 208 -18.93 -5.18 11.81
N ILE B 209 -19.73 -5.84 12.66
CA ILE B 209 -20.15 -5.26 13.93
C ILE B 209 -18.99 -5.35 14.90
N PRO B 210 -18.49 -4.24 15.43
CA PRO B 210 -17.48 -4.33 16.50
C PRO B 210 -18.04 -5.09 17.69
N ARG B 211 -17.23 -6.00 18.24
CA ARG B 211 -17.65 -6.75 19.42
C ARG B 211 -17.94 -5.82 20.59
N ASN B 212 -17.30 -4.65 20.61
CA ASN B 212 -17.53 -3.67 21.67
C ASN B 212 -18.80 -2.86 21.43
N MET B 213 -19.29 -2.81 20.19
CA MET B 213 -20.47 -2.04 19.82
C MET B 213 -21.63 -2.98 19.47
N THR B 214 -22.74 -2.39 19.06
CA THR B 214 -23.88 -3.13 18.54
C THR B 214 -24.28 -2.45 17.21
N MET B 215 -25.53 -2.68 16.79
CA MET B 215 -26.12 -2.02 15.63
C MET B 215 -26.65 -0.64 16.00
N SER B 216 -27.37 -0.55 17.11
CA SER B 216 -27.95 0.72 17.55
C SER B 216 -26.89 1.81 17.62
N SER B 217 -25.76 1.53 18.28
CA SER B 217 -24.73 2.56 18.43
C SER B 217 -24.07 2.85 17.09
N LEU B 218 -23.92 1.85 16.23
CA LEU B 218 -23.31 2.05 14.91
C LEU B 218 -24.15 2.94 14.01
N ILE B 219 -25.47 2.94 14.20
CA ILE B 219 -26.34 3.78 13.37
C ILE B 219 -26.43 5.21 13.92
N LYS B 220 -26.47 5.36 15.24
CA LYS B 220 -26.31 6.68 15.84
C LYS B 220 -24.95 7.28 15.48
N TYR B 221 -23.88 6.49 15.66
CA TYR B 221 -22.52 6.97 15.45
C TYR B 221 -22.29 7.45 14.03
N HIS B 222 -22.98 6.88 13.05
CA HIS B 222 -22.70 7.23 11.65
C HIS B 222 -23.81 8.03 10.98
N ARG B 223 -24.86 8.42 11.72
CA ARG B 223 -25.85 9.35 11.18
C ARG B 223 -25.17 10.56 10.54
N ILE B 224 -25.77 11.10 9.48
CA ILE B 224 -25.29 12.35 8.89
C ILE B 224 -26.13 13.49 9.46
N PRO B 225 -25.53 14.65 9.78
CA PRO B 225 -26.29 15.68 10.51
C PRO B 225 -27.07 16.60 9.60
N ALA B 226 -28.39 16.57 9.71
CA ALA B 226 -29.26 17.44 8.92
C ALA B 226 -29.71 18.68 9.68
N ASP B 227 -29.10 19.00 10.84
CA ASP B 227 -29.25 20.33 11.41
C ASP B 227 -28.26 21.30 10.76
N LYS B 228 -27.03 20.86 10.53
CA LYS B 228 -26.04 21.60 9.73
C LYS B 228 -26.51 21.58 8.28
N ARG B 229 -27.18 22.65 7.85
CA ARG B 229 -27.85 22.64 6.55
C ARG B 229 -27.64 23.95 5.81
N ILE B 230 -27.11 23.85 4.58
CA ILE B 230 -26.77 24.97 3.73
C ILE B 230 -27.85 25.08 2.65
N GLU B 231 -28.37 26.30 2.42
CA GLU B 231 -29.49 26.47 1.50
C GLU B 231 -29.02 26.81 0.07
N GLY B 232 -29.90 26.52 -0.90
CA GLY B 232 -29.76 27.02 -2.25
C GLY B 232 -29.09 26.08 -3.25
N PHE B 233 -28.56 24.95 -2.81
CA PHE B 233 -27.98 24.03 -3.78
C PHE B 233 -29.07 23.33 -4.58
N ARG B 234 -28.82 23.23 -5.87
CA ARG B 234 -29.75 22.58 -6.80
C ARG B 234 -28.95 21.86 -7.88
N PRO B 235 -29.58 20.90 -8.60
CA PRO B 235 -28.92 20.20 -9.72
C PRO B 235 -28.56 21.14 -10.85
N SER B 236 -27.33 21.00 -11.34
CA SER B 236 -26.99 21.68 -12.58
C SER B 236 -27.92 21.23 -13.72
N VAL B 237 -28.02 22.11 -14.71
CA VAL B 237 -28.67 21.85 -15.98
C VAL B 237 -27.70 22.24 -17.09
N ASP B 238 -28.00 21.78 -18.30
CA ASP B 238 -27.17 22.09 -19.46
C ASP B 238 -26.89 23.58 -19.57
N SER B 239 -27.86 24.41 -19.27
CA SER B 239 -27.65 25.84 -19.43
C SER B 239 -26.69 26.46 -18.43
N ASP B 240 -26.24 25.69 -17.44
CA ASP B 240 -25.31 26.15 -16.43
C ASP B 240 -23.86 26.09 -16.91
N ALA B 241 -23.60 25.44 -18.04
CA ALA B 241 -22.25 24.99 -18.37
C ALA B 241 -21.25 26.15 -18.44
N GLU B 242 -21.64 27.28 -19.03
CA GLU B 242 -20.70 28.40 -19.11
C GLU B 242 -20.32 28.88 -17.71
N GLN B 243 -21.31 29.19 -16.90
CA GLN B 243 -21.05 29.60 -15.54
C GLN B 243 -20.23 28.58 -14.77
N ILE B 244 -20.48 27.30 -15.00
CA ILE B 244 -19.69 26.30 -14.29
C ILE B 244 -18.27 26.23 -14.87
N CYS B 245 -18.14 26.29 -16.21
CA CYS B 245 -16.81 26.39 -16.80
C CYS B 245 -16.07 27.54 -16.11
N LYS B 246 -16.68 28.71 -16.07
CA LYS B 246 -16.00 29.84 -15.43
C LYS B 246 -15.76 29.58 -13.94
N LEU B 247 -16.64 28.83 -13.26
CA LEU B 247 -16.36 28.54 -11.85
C LEU B 247 -15.03 27.79 -11.67
N PHE B 248 -14.81 26.71 -12.44
CA PHE B 248 -13.58 25.93 -12.30
C PHE B 248 -12.33 26.75 -12.59
N GLU B 249 -12.35 27.56 -13.67
CA GLU B 249 -11.24 28.45 -14.00
C GLU B 249 -10.83 29.32 -12.82
N ASN B 250 -11.80 29.91 -12.13
CA ASN B 250 -11.45 30.74 -10.99
C ASN B 250 -10.84 29.90 -9.88
N TYR B 251 -11.40 28.71 -9.65
CA TYR B 251 -10.83 27.79 -8.67
C TYR B 251 -9.36 27.49 -8.97
N PHE B 252 -9.05 27.14 -10.21
CA PHE B 252 -7.67 26.79 -10.56
C PHE B 252 -6.76 28.02 -10.53
N MET B 253 -7.27 29.16 -10.99
CA MET B 253 -6.53 30.40 -10.83
C MET B 253 -6.22 30.65 -9.36
N LYS B 254 -7.22 30.45 -8.48
CA LYS B 254 -7.04 30.72 -7.07
C LYS B 254 -5.91 29.87 -6.47
N TYR B 255 -5.95 28.57 -6.70
CA TYR B 255 -5.01 27.64 -6.08
C TYR B 255 -3.78 27.35 -6.93
N LYS B 256 -3.60 28.06 -8.04
CA LYS B 256 -2.50 27.75 -8.96
C LYS B 256 -1.13 27.81 -8.27
N ASP B 257 -0.19 27.04 -8.82
CA ASP B 257 1.13 26.90 -8.22
C ASP B 257 2.19 27.68 -8.98
N VAL B 258 1.80 28.46 -9.98
CA VAL B 258 2.70 29.38 -10.66
C VAL B 258 2.19 30.81 -10.42
N SER B 259 3.02 31.77 -10.79
CA SER B 259 2.63 33.17 -10.61
C SER B 259 1.56 33.57 -11.61
N ASN B 260 1.00 34.77 -11.41
CA ASN B 260 0.05 35.32 -12.37
C ASN B 260 0.67 35.51 -13.75
N GLU B 261 1.90 36.03 -13.80
CA GLU B 261 2.55 36.21 -15.09
C GLU B 261 2.70 34.88 -15.82
N THR B 262 3.09 33.83 -15.09
CA THR B 262 3.20 32.51 -15.72
C THR B 262 1.86 32.03 -16.24
N MET B 263 0.76 32.35 -15.55
CA MET B 263 -0.56 31.90 -16.00
C MET B 263 -0.89 32.45 -17.39
N ASN B 264 -0.56 33.73 -17.64
CA ASN B 264 -0.85 34.39 -18.90
C ASN B 264 0.24 34.13 -19.95
N ASN B 265 1.08 33.12 -19.75
CA ASN B 265 1.96 32.64 -20.82
C ASN B 265 2.39 31.22 -20.51
N LEU B 266 1.44 30.28 -20.60
CA LEU B 266 1.69 28.88 -20.33
C LEU B 266 2.21 28.18 -21.59
N ILE B 267 3.20 27.32 -21.41
CA ILE B 267 3.80 26.61 -22.54
C ILE B 267 2.77 25.60 -23.02
N ASN B 268 2.26 25.83 -24.22
CA ASN B 268 1.32 24.92 -24.86
C ASN B 268 2.12 23.81 -25.51
N TYR B 269 2.15 22.63 -24.89
CA TYR B 269 3.01 21.56 -25.36
C TYR B 269 2.56 20.99 -26.71
N ASP B 270 1.28 21.09 -27.03
CA ASP B 270 0.83 20.62 -28.34
C ASP B 270 1.52 21.36 -29.47
N GLU B 271 1.99 22.60 -29.22
CA GLU B 271 2.62 23.44 -30.24
C GLU B 271 4.07 23.07 -30.50
N ILE B 272 4.66 22.17 -29.71
CA ILE B 272 6.10 21.99 -29.79
C ILE B 272 6.48 20.52 -29.76
N ASN B 273 5.47 19.65 -29.81
CA ASN B 273 5.70 18.22 -29.58
C ASN B 273 5.95 17.45 -30.87
N HIS B 274 6.22 18.14 -31.98
CA HIS B 274 6.66 17.46 -33.19
C HIS B 274 8.16 17.54 -33.40
N SER B 275 8.86 18.33 -32.59
CA SER B 275 10.29 18.54 -32.74
C SER B 275 10.98 18.42 -31.39
N ALA B 276 12.11 17.70 -31.39
CA ALA B 276 12.88 17.57 -30.15
C ALA B 276 13.55 18.88 -29.76
N ALA B 277 13.79 19.77 -30.73
CA ALA B 277 14.44 21.03 -30.44
C ALA B 277 13.50 22.02 -29.76
N LEU B 278 12.26 22.10 -30.22
CA LEU B 278 11.31 22.98 -29.54
C LEU B 278 10.73 22.34 -28.29
N GLY B 279 10.59 21.01 -28.28
CA GLY B 279 9.92 20.33 -27.17
C GLY B 279 10.61 20.59 -25.86
N LYS B 280 11.95 20.74 -25.89
CA LYS B 280 12.75 21.00 -24.70
C LYS B 280 12.35 22.29 -23.98
N GLN B 281 11.60 23.17 -24.61
CA GLN B 281 11.08 24.35 -23.91
C GLN B 281 10.11 23.96 -22.80
N ALA B 282 9.53 22.76 -22.86
CA ALA B 282 8.68 22.32 -21.76
C ALA B 282 9.45 22.07 -20.48
N TYR B 283 10.80 22.04 -20.54
CA TYR B 283 11.62 21.71 -19.39
C TYR B 283 11.67 22.89 -18.41
N MET B 284 11.60 22.57 -17.13
CA MET B 284 11.50 23.59 -16.08
C MET B 284 12.05 22.97 -14.81
N LYS B 285 12.88 23.72 -14.09
CA LYS B 285 13.44 23.30 -12.82
C LYS B 285 12.69 24.01 -11.71
N LEU B 286 12.71 23.43 -10.52
CA LEU B 286 12.03 23.99 -9.36
C LEU B 286 13.04 24.67 -8.43
N ASP B 287 12.63 25.80 -7.85
CA ASP B 287 13.50 26.49 -6.90
C ASP B 287 13.56 25.74 -5.57
N LYS B 288 12.41 25.37 -5.03
CA LYS B 288 12.33 24.66 -3.75
C LYS B 288 11.08 23.78 -3.77
N ILE B 289 11.15 22.65 -3.05
CA ILE B 289 10.00 21.77 -2.97
C ILE B 289 8.90 22.38 -2.10
N GLU B 290 9.26 23.37 -1.27
CA GLU B 290 8.26 24.09 -0.48
C GLU B 290 7.46 25.06 -1.32
N ASP B 291 7.94 25.42 -2.52
CA ASP B 291 7.28 26.45 -3.32
C ASP B 291 5.84 26.10 -3.65
N LEU B 292 5.54 24.81 -3.76
CA LEU B 292 4.21 24.35 -4.12
C LEU B 292 3.33 24.02 -2.92
N GLN B 293 3.74 24.40 -1.71
CA GLN B 293 2.99 24.02 -0.52
C GLN B 293 1.58 24.60 -0.60
N ASP B 294 0.59 23.71 -0.51
CA ASP B 294 -0.84 24.00 -0.48
C ASP B 294 -1.43 24.40 -1.84
N LYS B 295 -0.67 24.41 -2.92
CA LYS B 295 -1.19 24.77 -4.24
C LYS B 295 -1.48 23.51 -5.05
N ILE B 296 -2.27 23.70 -6.13
CA ILE B 296 -2.54 22.67 -7.14
C ILE B 296 -1.55 22.83 -8.28
N THR B 297 -0.96 21.70 -8.72
CA THR B 297 0.14 21.66 -9.69
C THR B 297 -0.22 20.97 -11.01
N ILE B 298 -1.09 19.97 -11.00
CA ILE B 298 -1.54 19.30 -12.23
C ILE B 298 -3.04 19.03 -12.08
N HIS B 299 -3.84 19.44 -13.07
CA HIS B 299 -5.28 19.30 -13.03
C HIS B 299 -5.90 19.26 -14.42
N GLN B 300 -7.06 18.61 -14.52
CA GLN B 300 -7.84 18.66 -15.73
C GLN B 300 -8.39 20.05 -15.97
N CYS B 301 -8.53 20.39 -17.25
CA CYS B 301 -9.04 21.68 -17.67
C CYS B 301 -10.27 21.38 -18.50
N PHE B 302 -11.36 22.11 -18.22
CA PHE B 302 -12.67 21.83 -18.81
C PHE B 302 -13.15 23.02 -19.62
N ASN B 303 -13.39 22.79 -20.91
CA ASN B 303 -14.12 23.78 -21.69
C ASN B 303 -15.63 23.57 -21.48
N VAL B 304 -16.44 24.36 -22.19
CA VAL B 304 -17.88 24.35 -21.93
C VAL B 304 -18.49 23.01 -22.30
N GLU B 305 -18.10 22.46 -23.47
CA GLU B 305 -18.65 21.18 -23.88
C GLU B 305 -18.27 20.08 -22.88
N ASP B 306 -17.06 20.11 -22.33
CA ASP B 306 -16.67 19.10 -21.37
C ASP B 306 -17.52 19.22 -20.11
N VAL B 307 -17.78 20.45 -19.67
CA VAL B 307 -18.56 20.69 -18.46
C VAL B 307 -19.97 20.14 -18.64
N LYS B 308 -20.54 20.37 -19.83
CA LYS B 308 -21.87 19.84 -20.11
C LYS B 308 -21.89 18.33 -19.96
N HIS B 309 -20.87 17.64 -20.48
CA HIS B 309 -20.88 16.19 -20.41
C HIS B 309 -20.67 15.73 -18.96
N TYR B 310 -19.67 16.28 -18.29
CA TYR B 310 -19.19 15.66 -17.07
C TYR B 310 -19.99 16.15 -15.85
N PHE B 311 -20.37 17.45 -15.80
CA PHE B 311 -20.96 18.04 -14.59
C PHE B 311 -22.48 18.14 -14.74
N THR B 312 -23.06 16.94 -14.89
CA THR B 312 -24.44 16.76 -15.30
C THR B 312 -25.10 15.87 -14.25
N ASN B 313 -26.34 15.44 -14.47
CA ASN B 313 -27.02 14.58 -13.52
C ASN B 313 -27.61 13.39 -14.27
N ILE B 314 -27.12 12.21 -13.99
CA ILE B 314 -27.57 10.96 -14.61
C ILE B 314 -27.81 10.03 -13.45
N ASP B 315 -29.03 9.53 -13.30
CA ASP B 315 -29.35 8.71 -12.15
C ASP B 315 -28.41 7.52 -12.04
N LYS B 316 -27.91 7.31 -10.85
CA LYS B 316 -27.00 6.21 -10.55
C LYS B 316 -25.67 6.33 -11.26
N VAL B 317 -25.37 7.51 -11.81
CA VAL B 317 -24.05 7.68 -12.40
C VAL B 317 -23.32 8.92 -11.89
N ILE B 318 -23.92 10.09 -12.02
CA ILE B 318 -23.26 11.36 -11.71
C ILE B 318 -24.29 12.33 -11.14
N VAL B 319 -23.84 13.05 -10.10
CA VAL B 319 -24.65 14.03 -9.37
C VAL B 319 -23.86 15.30 -9.29
N THR B 320 -24.45 16.42 -9.77
CA THR B 320 -23.77 17.70 -9.79
C THR B 320 -24.75 18.76 -9.33
N TYR B 321 -24.43 19.42 -8.19
CA TYR B 321 -25.25 20.48 -7.66
C TYR B 321 -24.50 21.79 -7.62
N VAL B 322 -25.27 22.86 -7.76
CA VAL B 322 -24.74 24.21 -7.78
C VAL B 322 -25.62 25.14 -6.95
N ARG B 323 -25.01 26.26 -6.57
CA ARG B 323 -25.63 27.28 -5.74
C ARG B 323 -25.34 28.62 -6.38
N GLU B 324 -26.34 29.47 -6.47
CA GLU B 324 -26.20 30.77 -7.08
C GLU B 324 -26.27 31.84 -6.00
N ASN B 325 -25.64 32.98 -6.25
CA ASN B 325 -25.84 34.14 -5.42
C ASN B 325 -27.05 34.92 -5.93
N LYS B 326 -27.32 36.05 -5.28
CA LYS B 326 -28.52 36.83 -5.58
C LYS B 326 -28.51 37.42 -6.99
N ASN B 327 -27.41 37.28 -7.72
CA ASN B 327 -27.33 37.71 -9.11
C ASN B 327 -27.54 36.56 -10.10
N LYS B 328 -27.94 35.37 -9.62
CA LYS B 328 -28.12 34.18 -10.48
C LYS B 328 -26.79 33.76 -11.09
N GLU B 329 -25.71 33.96 -10.34
CA GLU B 329 -24.37 33.54 -10.71
C GLU B 329 -23.99 32.34 -9.87
N ILE B 330 -23.52 31.28 -10.52
CA ILE B 330 -23.10 30.08 -9.82
C ILE B 330 -21.84 30.38 -9.01
N THR B 331 -21.90 30.11 -7.69
CA THR B 331 -20.80 30.37 -6.76
C THR B 331 -20.18 29.14 -6.10
N ASP B 332 -20.85 27.99 -6.13
CA ASP B 332 -20.31 26.79 -5.49
C ASP B 332 -20.81 25.58 -6.27
N LEU B 333 -20.10 24.48 -6.13
CA LEU B 333 -20.44 23.26 -6.86
C LEU B 333 -19.94 22.06 -6.08
N PHE B 334 -20.79 21.02 -5.97
CA PHE B 334 -20.31 19.72 -5.52
C PHE B 334 -20.76 18.69 -6.53
N SER B 335 -19.96 17.66 -6.66
CA SER B 335 -20.27 16.55 -7.54
C SER B 335 -19.66 15.27 -6.97
N PHE B 336 -20.30 14.16 -7.33
CA PHE B 336 -19.83 12.82 -7.05
C PHE B 336 -20.42 11.87 -8.07
N PHE B 337 -19.65 10.85 -8.46
CA PHE B 337 -20.15 9.78 -9.30
C PHE B 337 -20.43 8.56 -8.43
N ILE B 338 -21.15 7.62 -9.01
CA ILE B 338 -21.70 6.50 -8.29
C ILE B 338 -21.31 5.23 -9.02
N ILE B 339 -20.76 4.27 -8.28
CA ILE B 339 -20.41 2.97 -8.81
C ILE B 339 -21.05 1.95 -7.88
N GLU B 340 -21.73 0.97 -8.46
CA GLU B 340 -22.21 -0.18 -7.70
C GLU B 340 -21.13 -1.25 -7.63
N SER B 341 -21.15 -2.01 -6.54
CA SER B 341 -20.24 -3.14 -6.40
C SER B 341 -21.00 -4.28 -5.76
N THR B 342 -20.69 -5.51 -6.18
CA THR B 342 -21.42 -6.68 -5.75
C THR B 342 -20.55 -7.56 -4.86
N VAL B 343 -21.21 -8.49 -4.17
CA VAL B 343 -20.58 -9.32 -3.15
C VAL B 343 -20.28 -10.67 -3.78
N ILE B 344 -18.99 -10.95 -4.01
CA ILE B 344 -18.61 -12.21 -4.63
C ILE B 344 -18.97 -13.39 -3.75
N ASN B 345 -19.09 -13.20 -2.44
CA ASN B 345 -19.43 -14.29 -1.52
C ASN B 345 -20.77 -14.06 -0.82
N THR B 351 -27.01 -5.42 -4.11
CA THR B 351 -26.01 -4.46 -4.58
C THR B 351 -25.80 -3.35 -3.55
N ILE B 352 -24.60 -2.76 -3.57
CA ILE B 352 -24.26 -1.65 -2.71
C ILE B 352 -23.76 -0.50 -3.59
N ASN B 353 -24.11 0.72 -3.18
CA ASN B 353 -23.90 1.89 -4.01
C ASN B 353 -22.90 2.81 -3.34
N ILE B 354 -21.82 3.14 -4.04
CA ILE B 354 -20.73 3.90 -3.46
C ILE B 354 -20.59 5.23 -4.22
N ALA B 355 -20.72 6.31 -3.50
CA ALA B 355 -20.48 7.62 -4.03
C ALA B 355 -18.99 7.90 -3.97
N TYR B 356 -18.48 8.49 -5.06
CA TYR B 356 -17.10 8.96 -5.10
C TYR B 356 -17.02 10.45 -5.35
N SER B 357 -16.31 11.13 -4.50
CA SER B 357 -16.09 12.55 -4.64
C SER B 357 -15.43 12.83 -5.97
N TYR B 358 -15.96 13.82 -6.70
CA TYR B 358 -15.46 14.16 -8.01
C TYR B 358 -14.76 15.50 -7.89
N PHE B 359 -15.37 16.60 -8.32
CA PHE B 359 -14.84 17.94 -8.11
C PHE B 359 -15.79 18.72 -7.23
N ASN B 360 -15.22 19.51 -6.33
CA ASN B 360 -15.96 20.32 -5.37
C ASN B 360 -15.29 21.65 -5.20
N ILE B 361 -16.13 22.70 -5.17
CA ILE B 361 -15.67 24.09 -5.11
C ILE B 361 -16.58 24.81 -4.10
N ALA B 362 -16.01 25.21 -2.96
CA ALA B 362 -16.78 25.93 -1.96
C ALA B 362 -16.16 27.30 -1.86
N ASN B 363 -16.96 28.33 -2.18
CA ASN B 363 -16.56 29.72 -2.06
C ASN B 363 -17.38 30.46 -1.02
N THR B 364 -18.64 30.06 -0.80
CA THR B 364 -19.53 30.77 0.12
C THR B 364 -19.81 29.97 1.38
N CYS B 365 -19.21 28.79 1.52
CA CYS B 365 -19.39 27.96 2.69
C CYS B 365 -18.07 27.29 2.94
N SER B 366 -17.87 26.81 4.16
CA SER B 366 -16.75 25.92 4.41
C SER B 366 -16.85 24.71 3.49
N LEU B 367 -15.69 24.19 3.12
CA LEU B 367 -15.67 22.92 2.43
C LEU B 367 -16.38 21.85 3.26
N LYS B 368 -16.18 21.86 4.58
CA LYS B 368 -16.89 20.89 5.41
C LYS B 368 -18.41 21.02 5.25
N GLU B 369 -18.93 22.26 5.18
CA GLU B 369 -20.36 22.46 4.99
C GLU B 369 -20.81 21.95 3.64
N LEU B 370 -20.05 22.28 2.58
CA LEU B 370 -20.31 21.76 1.24
C LEU B 370 -20.43 20.24 1.27
N PHE B 371 -19.42 19.58 1.83
CA PHE B 371 -19.42 18.13 1.86
C PHE B 371 -20.57 17.57 2.66
N ASN B 372 -21.03 18.31 3.66
CA ASN B 372 -22.21 17.85 4.39
C ASN B 372 -23.46 17.90 3.52
N GLU B 373 -23.64 18.96 2.74
CA GLU B 373 -24.71 18.99 1.74
C GLU B 373 -24.57 17.82 0.78
N MET B 374 -23.36 17.54 0.35
CA MET B 374 -23.14 16.48 -0.63
C MET B 374 -23.43 15.11 -0.03
N LEU B 375 -23.03 14.90 1.23
CA LEU B 375 -23.35 13.65 1.93
C LEU B 375 -24.87 13.43 2.08
N ILE B 376 -25.58 14.42 2.59
CA ILE B 376 -27.04 14.28 2.64
C ILE B 376 -27.57 13.91 1.27
N THR B 377 -26.98 14.50 0.23
CA THR B 377 -27.52 14.32 -1.12
C THR B 377 -27.20 12.92 -1.63
N ALA B 378 -26.01 12.44 -1.33
CA ALA B 378 -25.67 11.08 -1.72
C ALA B 378 -26.48 10.09 -0.89
N LYS B 379 -26.77 10.44 0.36
CA LYS B 379 -27.74 9.62 1.11
C LYS B 379 -29.08 9.58 0.37
N ASN B 380 -29.58 10.75 -0.06
CA ASN B 380 -30.84 10.78 -0.82
C ASN B 380 -30.77 9.96 -2.11
N ASN B 381 -29.59 9.75 -2.67
CA ASN B 381 -29.41 8.96 -3.88
C ASN B 381 -29.09 7.49 -3.61
N ASN B 382 -29.42 6.97 -2.42
CA ASN B 382 -29.27 5.54 -2.13
C ASN B 382 -27.79 5.10 -2.08
N CYS B 383 -26.90 6.02 -1.75
CA CYS B 383 -25.48 5.74 -1.61
C CYS B 383 -25.24 5.27 -0.18
N ASP B 384 -24.68 4.07 -0.03
CA ASP B 384 -24.49 3.50 1.29
C ASP B 384 -23.19 3.91 1.92
N ALA B 385 -22.27 4.43 1.12
CA ALA B 385 -20.97 4.90 1.58
C ALA B 385 -20.50 6.01 0.65
N PHE B 386 -19.69 6.91 1.21
CA PHE B 386 -19.13 8.02 0.45
C PHE B 386 -17.60 7.98 0.52
N ASN B 387 -16.97 7.81 -0.63
CA ASN B 387 -15.51 7.72 -0.67
C ASN B 387 -14.91 8.99 -1.21
N THR B 388 -13.77 9.36 -0.68
CA THR B 388 -13.12 10.59 -1.12
C THR B 388 -11.61 10.40 -0.95
N LEU B 389 -10.85 10.83 -1.94
CA LEU B 389 -9.40 10.80 -1.80
C LEU B 389 -8.94 12.03 -1.01
N ASP B 390 -7.71 11.99 -0.53
CA ASP B 390 -7.11 13.20 0.05
C ASP B 390 -6.49 14.14 -1.00
N LEU B 391 -7.17 14.32 -2.15
CA LEU B 391 -6.75 15.24 -3.19
C LEU B 391 -7.31 16.63 -2.97
N MET B 392 -6.69 17.60 -3.65
CA MET B 392 -7.12 19.01 -3.63
C MET B 392 -7.17 19.43 -2.16
N GLN B 393 -8.30 19.96 -1.68
CA GLN B 393 -8.39 20.43 -0.30
C GLN B 393 -9.25 19.51 0.55
N ASN B 394 -9.38 18.24 0.15
CA ASN B 394 -10.26 17.31 0.88
C ASN B 394 -9.78 16.96 2.29
N LEU B 395 -8.53 17.26 2.64
CA LEU B 395 -8.12 17.04 4.02
C LEU B 395 -8.88 17.95 4.98
N GLN B 396 -9.20 19.17 4.55
CA GLN B 396 -10.02 20.06 5.36
C GLN B 396 -11.33 19.41 5.78
N VAL B 397 -11.79 18.41 5.03
CA VAL B 397 -13.01 17.68 5.36
C VAL B 397 -12.72 16.43 6.16
N ILE B 398 -11.62 15.74 5.83
CA ILE B 398 -11.30 14.47 6.45
C ILE B 398 -10.80 14.62 7.87
N GLN B 399 -10.11 15.72 8.18
CA GLN B 399 -9.16 15.69 9.27
C GLN B 399 -9.84 15.52 10.61
N ASP B 400 -11.01 16.11 10.79
CA ASP B 400 -11.66 16.10 12.09
C ASP B 400 -13.13 15.81 11.81
N SER B 401 -13.38 14.60 11.32
CA SER B 401 -14.65 14.18 10.76
C SER B 401 -14.93 12.75 11.16
N LYS B 402 -16.04 12.21 10.65
CA LYS B 402 -16.38 10.80 10.82
C LYS B 402 -15.90 9.93 9.65
N PHE B 403 -14.95 10.41 8.85
CA PHE B 403 -14.38 9.58 7.79
C PHE B 403 -13.43 8.54 8.34
N ILE B 404 -13.44 7.35 7.74
CA ILE B 404 -12.63 6.22 8.18
C ILE B 404 -11.66 5.88 7.06
N ILE B 405 -10.42 5.53 7.43
CA ILE B 405 -9.42 5.30 6.40
C ILE B 405 -9.67 3.97 5.71
N GLY B 406 -9.12 3.86 4.49
CA GLY B 406 -9.34 2.71 3.65
C GLY B 406 -8.16 1.74 3.59
N THR B 407 -8.41 0.66 2.87
CA THR B 407 -7.46 -0.44 2.77
C THR B 407 -6.33 -0.12 1.79
N GLY B 408 -6.65 0.51 0.66
CA GLY B 408 -5.66 0.71 -0.39
C GLY B 408 -5.29 2.15 -0.71
N ARG B 409 -4.09 2.33 -1.26
CA ARG B 409 -3.59 3.61 -1.72
C ARG B 409 -3.46 3.69 -3.23
N LEU B 410 -3.81 4.85 -3.79
CA LEU B 410 -3.93 5.07 -5.22
C LEU B 410 -2.69 5.77 -5.76
N ARG B 411 -1.88 5.04 -6.54
CA ARG B 411 -0.76 5.63 -7.22
C ARG B 411 -1.23 6.43 -8.41
N TYR B 412 -0.69 7.65 -8.58
CA TYR B 412 -0.88 8.43 -9.79
C TYR B 412 0.38 8.38 -10.66
N TYR B 413 0.19 8.16 -11.95
CA TYR B 413 1.29 8.04 -12.90
C TYR B 413 1.06 8.92 -14.11
N VAL B 414 2.14 9.32 -14.75
CA VAL B 414 2.04 10.03 -16.01
C VAL B 414 3.02 9.36 -16.98
N PHE B 415 2.52 8.94 -18.12
CA PHE B 415 3.37 8.34 -19.13
C PHE B 415 4.09 9.45 -19.88
N ASN B 416 5.41 9.33 -19.97
CA ASN B 416 6.27 10.16 -20.80
C ASN B 416 6.33 11.59 -20.29
N TRP B 417 6.29 11.79 -18.99
CA TRP B 417 6.51 13.12 -18.45
C TRP B 417 7.08 12.99 -17.05
N LYS B 418 7.91 13.97 -16.68
CA LYS B 418 8.52 14.05 -15.36
C LYS B 418 7.70 15.00 -14.51
N ILE B 419 7.30 14.55 -13.34
CA ILE B 419 6.67 15.39 -12.34
C ILE B 419 7.30 15.03 -11.00
N PRO B 420 7.76 16.01 -10.22
CA PRO B 420 8.34 15.68 -8.92
C PRO B 420 7.30 15.09 -7.97
N GLN B 421 7.77 14.30 -7.02
CA GLN B 421 6.85 13.66 -6.09
C GLN B 421 6.23 14.72 -5.19
N ILE B 422 4.90 14.76 -5.18
CA ILE B 422 4.15 15.87 -4.61
C ILE B 422 3.04 15.33 -3.72
N SER B 423 2.48 16.23 -2.90
CA SER B 423 1.35 15.86 -2.07
C SER B 423 0.12 15.69 -2.95
N PRO B 424 -0.77 14.77 -2.57
CA PRO B 424 -2.03 14.66 -3.31
C PRO B 424 -2.86 15.92 -3.23
N SER B 425 -2.66 16.74 -2.20
CA SER B 425 -3.28 18.07 -2.19
C SER B 425 -2.96 18.84 -3.47
N ASN B 426 -1.84 18.53 -4.11
CA ASN B 426 -1.43 19.23 -5.33
C ASN B 426 -2.03 18.67 -6.62
N VAL B 427 -2.93 17.68 -6.55
CA VAL B 427 -3.40 16.96 -7.73
C VAL B 427 -4.91 17.13 -7.91
N GLY B 428 -5.30 17.72 -9.06
CA GLY B 428 -6.70 17.94 -9.43
C GLY B 428 -7.13 17.10 -10.63
N ILE B 429 -6.94 15.78 -10.49
N ILE B 429 -6.93 15.79 -10.52
CA ILE B 429 -7.22 14.79 -11.53
CA ILE B 429 -7.28 14.82 -11.56
C ILE B 429 -7.99 13.67 -10.85
C ILE B 429 -8.00 13.68 -10.87
N ILE B 430 -9.20 13.37 -11.35
CA ILE B 430 -10.02 12.27 -10.81
C ILE B 430 -10.32 11.28 -11.95
N LEU B 431 -10.01 10.01 -11.71
CA LEU B 431 -10.30 8.98 -12.68
C LEU B 431 -11.45 8.10 -12.22
N PHE B 432 -12.06 7.38 -13.16
CA PHE B 432 -13.29 6.71 -12.86
C PHE B 432 -13.12 5.25 -12.47
S1 MYA C . 2.24 -11.91 7.10
C2 MYA C . 2.14 -12.51 5.38
C3 MYA C . 0.69 -12.92 5.07
N4 MYA C . 0.77 -14.14 4.27
C5 MYA C . 0.99 -14.05 2.82
O5 MYA C . 1.11 -13.00 2.30
C6 MYA C . 1.11 -15.36 2.01
C7 MYA C . 0.43 -15.33 0.65
N8 MYA C . -1.00 -15.21 0.87
C9 MYA C . -1.78 -16.34 1.37
O9 MYA C . -1.26 -17.38 1.58
C10 MYA C . -3.29 -16.12 1.59
O10 MYA C . -3.76 -15.17 0.68
C11 MYA C . -3.55 -15.60 3.01
C12 MYA C . -4.99 -15.06 3.12
C13 MYA C . -2.62 -14.43 3.36
C14 MYA C . -3.31 -16.78 3.95
N1A MYA C . -3.24 -11.32 7.64
O1A MYA C . -10.81 -16.55 2.29
P1A MYA C . -9.55 -16.36 3.10
C1X MYA C . -8.01 -12.00 6.05
C2A MYA C . -4.36 -11.27 8.36
O2A MYA C . -8.96 -17.71 3.46
P2A MYA C . -7.01 -15.93 1.61
C2M MYA C . 1.79 -13.17 8.31
O2M MYA C . 2.02 -14.30 8.09
C2X MYA C . -9.06 -11.13 5.24
O2X MYA C . -9.16 -9.73 5.77
N3A MYA C . -5.55 -11.47 7.82
O3A MYA C . -8.47 -15.46 2.22
C3M MYA C . 1.09 -12.77 9.61
C3X MYA C . -10.17 -11.72 5.43
O3X MYA C . -10.75 -11.34 6.72
P3X MYA C . -12.06 -10.37 6.84
C4A MYA C . -5.69 -11.73 6.51
O4A MYA C . -7.18 -17.27 0.92
C4M MYA C . -0.44 -12.96 9.57
C4X MYA C . -9.86 -13.37 5.57
O4X MYA C . -8.58 -13.44 5.82
C5A MYA C . -4.54 -11.79 5.73
O5A MYA C . -6.58 -14.87 0.62
C5M MYA C . -1.13 -12.48 10.87
C5X MYA C . -10.27 -14.11 4.35
O5X MYA C . -9.92 -15.48 4.46
C6A MYA C . -3.29 -11.57 6.34
N6A MYA C . -2.04 -11.63 5.58
O6A MYA C . -5.89 -16.09 2.82
C6M MYA C . -2.40 -13.31 11.18
N7A MYA C . -4.94 -12.06 4.48
O7A MYA C . -11.80 -9.13 6.01
C7M MYA C . -3.25 -12.66 12.30
C8A MYA C . -6.27 -12.16 4.47
O8A MYA C . -13.27 -11.09 6.30
C8M MYA C . -2.84 -13.14 13.70
N9A MYA C . -6.75 -11.96 5.68
O9A MYA C . -12.27 -10.00 8.30
C9M MYA C . -3.66 -12.52 14.84
CAM MYA C . -3.09 -12.89 16.20
CBM MYA C . -3.64 -14.21 16.70
CCM MYA C . -2.94 -14.65 17.98
CDM MYA C . -3.70 -14.22 19.24
CEM MYA C . -3.05 -14.79 20.47
CFM MYA C . -3.60 -14.17 21.77
H2 MYA C . 2.79 -13.36 5.26
H2A MYA C . 2.44 -11.72 4.70
H3 MYA C . 0.20 -12.13 4.50
H3A MYA C . 0.14 -13.11 5.99
HN4 MYA C . 0.70 -15.03 4.72
H6 MYA C . 2.16 -15.52 1.81
H6A MYA C . 0.72 -16.19 2.59
H7 MYA C . 0.64 -16.26 0.11
H7A MYA C . 0.78 -14.49 0.07
HN8 MYA C . -1.46 -14.34 0.70
H10 MYA C . -3.81 -17.06 1.44
HO10 MYA C . -3.79 -15.55 -0.18
H12 MYA C . -5.17 -14.72 4.13
H12A MYA C . -5.13 -14.23 2.43
H13 MYA C . -3.03 -13.87 4.18
H13A MYA C . -1.64 -14.83 3.65
H13B MYA C . -2.49 -13.79 2.50
H14 MYA C . -3.69 -16.53 4.94
H14A MYA C . -2.25 -16.99 4.01
H14B MYA C . -3.84 -17.65 3.57
H1X MYA C . -8.08 -11.74 7.11
H2AA MYA C . -4.29 -11.05 9.42
H2X MYA C . -8.81 -11.12 4.18
HO2X MYA C . -9.00 -9.11 5.06
H3M MYA C . 1.31 -11.72 9.82
H3MA MYA C . 1.49 -13.37 10.42
H3X MYA C . -10.87 -11.52 4.62
H4M MYA C . -0.66 -14.01 9.41
H4MA MYA C . -0.84 -12.38 8.73
H4X MYA C . -10.40 -13.75 6.42
H5M MYA C . -0.42 -12.59 11.70
H5MA MYA C . -1.41 -11.44 10.77
H5X MYA C . -9.76 -13.69 3.48
H5XA MYA C . -11.34 -14.04 4.21
HN6A MYA C . -1.19 -11.30 6.00
HN6B MYA C . -2.04 -11.98 4.65
H6M MYA C . -2.10 -14.31 11.51
H6MA MYA C . -3.00 -13.40 10.29
H7M MYA C . -4.29 -12.90 12.13
H7MA MYA C . -3.13 -11.58 12.24
H8A MYA C . -6.87 -12.39 3.61
H8M MYA C . -1.80 -12.90 13.86
H8MA MYA C . -2.96 -14.22 13.74
H9M MYA C . -4.69 -12.88 14.77
H9MA MYA C . -3.65 -11.44 14.74
HAM MYA C . -3.34 -12.11 16.92
HAMA MYA C . -2.01 -12.96 16.13
HBM MYA C . -3.49 -14.97 15.94
HBMA MYA C . -4.70 -14.10 16.90
HCM MYA C . -1.95 -14.22 18.02
HCMA MYA C . -2.86 -15.73 17.98
HDM MYA C . -4.73 -14.57 19.18
HDMA MYA C . -3.70 -13.13 19.30
HEM MYA C . -1.99 -14.61 20.43
HEMA MYA C . -3.23 -15.86 20.50
HFM MYA C . -3.94 -14.96 22.44
HFMA MYA C . -4.43 -13.51 21.53
HFMB MYA C . -2.82 -13.60 22.26
C1 EDO D . 37.06 -15.03 18.82
O1 EDO D . 38.38 -14.61 18.43
C2 EDO D . 37.12 -15.72 20.17
O2 EDO D . 36.02 -15.31 20.99
H11 EDO D . 36.66 -15.71 18.06
H12 EDO D . 36.39 -14.17 18.87
HO1 EDO D . 38.33 -14.17 17.57
H21 EDO D . 38.07 -15.48 20.67
H22 EDO D . 37.09 -16.81 20.04
HO2 EDO D . 36.08 -15.75 21.86
C1 PEG E . 13.71 -6.70 -3.41
O1 PEG E . 13.30 -7.19 -2.12
C2 PEG E . 14.97 -5.89 -3.31
O2 PEG E . 15.19 -5.08 -4.49
C3 PEG E . 15.93 -3.89 -4.18
C4 PEG E . 16.26 -3.13 -5.43
O4 PEG E . 15.52 -1.90 -5.54
H11 PEG E . 13.00 -6.15 -3.78
H12 PEG E . 13.86 -7.46 -4.00
HO1 PEG E . 12.62 -7.68 -2.14
H21 PEG E . 15.74 -6.47 -3.22
H22 PEG E . 14.92 -5.31 -2.54
H31 PEG E . 16.75 -4.13 -3.73
H32 PEG E . 15.40 -3.32 -3.60
H41 PEG E . 16.04 -3.68 -6.20
H42 PEG E . 17.20 -2.93 -5.44
HO4 PEG E . 16.02 -1.21 -5.57
S1 MYA F . -5.98 0.23 -13.27
C2 MYA F . -6.92 -1.33 -13.09
C3 MYA F . -6.15 -2.40 -13.86
N4 MYA F . -7.05 -3.53 -14.06
C5 MYA F . -7.37 -4.43 -13.00
O5 MYA F . -6.85 -4.25 -11.94
C6 MYA F . -8.37 -5.57 -13.35
C7 MYA F . -8.15 -6.95 -12.74
N8 MYA F . -6.82 -7.37 -13.13
C9 MYA F . -6.52 -7.70 -14.49
O9 MYA F . -7.37 -7.68 -15.30
C10 MYA F . -5.08 -8.12 -14.80
O10 MYA F . -4.42 -8.39 -13.60
C11 MYA F . -4.32 -7.00 -15.49
C12 MYA F . -2.88 -7.48 -15.64
C13 MYA F . -4.35 -5.72 -14.63
C14 MYA F . -4.93 -6.74 -16.87
N1A MYA F . -1.19 -1.46 -15.20
O1A MYA F . 0.93 -11.36 -17.39
P1A MYA F . 0.35 -9.97 -17.56
C1X MYA F . 2.07 -5.20 -15.79
C2A MYA F . -0.10 -1.51 -15.96
O2A MYA F . -0.50 -9.96 -18.82
P2A MYA F . -1.95 -9.97 -15.78
C2M MYA F . -6.12 0.65 -15.03
O2M MYA F . -6.97 0.18 -15.74
C2X MYA F . 3.14 -6.04 -14.92
O2X MYA F . 3.88 -5.09 -14.03
N3A MYA F . 0.68 -2.58 -16.01
O3A MYA F . -0.39 -9.63 -16.11
C3M MYA F . -4.99 1.50 -15.60
C3X MYA F . 3.87 -6.64 -15.77
O3X MYA F . 4.87 -5.92 -16.53
P3X MYA F . 6.43 -5.93 -16.01
C4A MYA F . 0.36 -3.67 -15.29
O4A MYA F . -2.36 -11.17 -16.59
C4M MYA F . -3.92 0.57 -16.16
C4X MYA F . 2.74 -7.05 -16.97
O4X MYA F . 1.81 -6.12 -16.99
C5A MYA F . -0.76 -3.68 -14.48
O5A MYA F . -2.13 -10.16 -14.32
C5M MYA F . -2.98 1.44 -16.97
C5X MYA F . 2.20 -8.42 -16.66
O5X MYA F . 1.51 -8.85 -17.79
C6A MYA F . -1.55 -2.50 -14.47
N6A MYA F . -2.74 -2.43 -13.64
O6A MYA F . -2.89 -8.71 -16.31
C6M MYA F . -2.18 0.72 -18.08
N7A MYA F . -0.82 -4.87 -13.89
O7A MYA F . 6.40 -5.84 -14.51
C7M MYA F . -0.92 1.48 -18.46
C8A MYA F . 0.24 -5.59 -14.31
O8A MYA F . 7.01 -7.28 -16.39
C8M MYA F . -1.16 2.71 -19.30
N9A MYA F . 0.96 -4.88 -15.16
O9A MYA F . 7.21 -4.78 -16.63
C9M MYA F . 0.18 3.32 -19.73
CAM MYA F . 0.02 4.54 -20.64
CBM MYA F . -0.05 4.10 -22.09
CCM MYA F . -0.45 5.20 -23.07
CDM MYA F . 0.67 6.18 -23.42
CEM MYA F . 0.35 6.91 -24.75
CFM MYA F . 1.24 8.13 -25.03
H2 MYA F . -7.91 -1.22 -13.50
H2A MYA F . -6.97 -1.60 -12.04
H3 MYA F . -5.83 -2.02 -14.83
H3A MYA F . -5.28 -2.72 -13.29
HN4 MYA F . -7.49 -3.66 -14.96
H6 MYA F . -8.38 -5.66 -14.43
H6A MYA F . -9.36 -5.23 -13.03
H7 MYA F . -8.22 -6.91 -11.66
H7A MYA F . -8.88 -7.65 -13.13
HN8 MYA F . -6.09 -7.40 -12.45
H10 MYA F . -5.09 -9.01 -15.43
HO10 MYA F . -4.69 -9.23 -13.27
H12 MYA F . -2.42 -7.61 -14.67
H12A MYA F . -2.30 -6.76 -16.22
H13 MYA F . -4.39 -5.98 -13.58
H13A MYA F . -3.47 -5.13 -14.84
H13B MYA F . -5.24 -5.14 -14.88
H14 MYA F . -5.03 -7.68 -17.40
H14A MYA F . -4.28 -6.08 -17.44
H14B MYA F . -5.90 -6.27 -16.76
H1X MYA F . 2.55 -4.30 -16.14
H2AA MYA F . 0.17 -0.64 -16.55
H2X MYA F . 2.63 -6.78 -14.33
HO2X MYA F . 3.73 -5.34 -13.13
H3M MYA F . -5.38 2.14 -16.38
H3MA MYA F . -4.56 2.11 -14.82
H3X MYA F . 4.29 -7.53 -15.33
H4M MYA F . -3.39 0.08 -15.35
H4MA MYA F . -4.38 -0.18 -16.80
H4X MYA F . 3.23 -7.08 -17.94
H5M MYA F . -2.26 1.88 -16.28
H5MA MYA F . -3.54 2.24 -17.43
H5X MYA F . 1.53 -8.36 -15.81
H5XA MYA F . 3.01 -9.09 -16.45
HN6A MYA F . -3.25 -1.56 -13.59
HN6B MYA F . -3.04 -3.23 -13.14
H6M MYA F . -1.90 -0.27 -17.73
H6MA MYA F . -2.81 0.62 -18.95
H7M MYA F . -0.27 0.81 -19.02
H7MA MYA F . -0.41 1.77 -17.56
H8A MYA F . 0.46 -6.61 -14.00
H8M MYA F . -1.71 3.44 -18.71
H8MA MYA F . -1.72 2.45 -20.18
H9M MYA F . 0.74 3.61 -18.84
H9MA MYA F . 0.75 2.56 -20.26
HAM MYA F . -0.89 5.07 -20.37
HAMA MYA F . 0.87 5.20 -20.51
HBM MYA F . -0.77 3.29 -22.17
HBMA MYA F . 0.93 3.71 -22.38
HCM MYA F . -1.28 5.75 -22.64
HCMA MYA F . -0.79 4.73 -23.99
HDM MYA F . 1.60 5.63 -23.53
HDMA MYA F . 0.78 6.91 -22.62
HEM MYA F . -0.68 7.25 -24.72
HEMA MYA F . 0.46 6.21 -25.57
HFM MYA F . 1.70 8.01 -26.01
HFMA MYA F . 0.63 9.03 -25.02
HFMB MYA F . 2.01 8.20 -24.28
C1 EDO G . -33.37 7.31 2.12
O1 EDO G . -33.94 8.56 2.53
C2 EDO G . -32.25 6.91 3.07
O2 EDO G . -31.90 5.53 2.91
H11 EDO G . -34.14 6.53 2.11
H12 EDO G . -32.97 7.41 1.10
HO1 EDO G . -34.66 8.80 1.93
H21 EDO G . -32.56 7.09 4.10
H22 EDO G . -31.37 7.54 2.88
HO2 EDO G . -31.19 5.30 3.52
C1 GOL H . -12.15 2.99 -9.37
O1 GOL H . -12.81 3.90 -8.52
C2 GOL H . -10.60 3.22 -9.26
O2 GOL H . -9.87 2.03 -9.51
C3 GOL H . -10.30 4.39 -10.28
O3 GOL H . -9.35 5.21 -9.64
H11 GOL H . -12.43 3.07 -10.29
H12 GOL H . -12.36 2.07 -9.11
HO1 GOL H . -13.12 4.52 -9.02
H2 GOL H . -10.36 3.49 -8.36
HO2 GOL H . -9.88 1.88 -10.35
H31 GOL H . -11.13 4.84 -10.49
H32 GOL H . -9.98 4.02 -11.10
HO3 GOL H . -9.78 5.68 -9.07
#